data_3LTG
#
_entry.id   3LTG
#
_cell.length_a   73.750
_cell.length_b   120.150
_cell.length_c   274.700
_cell.angle_alpha   90.00
_cell.angle_beta   90.00
_cell.angle_gamma   90.00
#
_symmetry.space_group_name_H-M   'P 21 21 21'
#
loop_
_entity.id
_entity.type
_entity.pdbx_description
1 polymer 'Epidermal growth factor receptor'
2 polymer 'Protein spitz'
#
loop_
_entity_poly.entity_id
_entity_poly.type
_entity_poly.pdbx_seq_one_letter_code
_entity_poly.pdbx_strand_id
1 'polypeptide(L)'
;HHHHHHKICIGTKSRLSVPSNKEHHYRNLRDRYTNCTYVDGNLELTWLPNENLDLSFLDNIREVTGYILISHVDVKKVVF
PKLQIIRGRTLFSLSVEEEKYALFVTYSKMYTLEIPDLRDVLNGQVGFHNNYNLCHMRTIQWSEIVSNGTDAYYNYDFTA
PERECPKCHESCTHGCWGEGPKNCQKFSKLTCSPQCAGGRCYGPKPRECCHLFCAGGCTGPTQKDCIACKNFFDEGVCKE
ECPPMRKYNPTTYVLETNPEGKYAYGATCVKECPGHLLRDNGACVRSCPQDKMDKGGECVPCNGPCPKTCPGVTVLHAGN
IDSFRNCTVIDGNIRILDQTFSGFQDVYANYTMGPRYIPLDPERLEVFSTVKEITGYLNIEGTHPQFRNLSYFRNLETIH
GRQLMESMFAALAIVKSSLYSLEMRNLKQISSGSVVIQHNRDLCYVSNIRWPAIQKEPEQKVWVNENLRADLCEKNGTIC
SDQCNEDGCWGAGTDQCLNCKNFNFNGTCIADCGYISNAYKFDNRTCKICHPECRTCNGAGADHCQECVHVRDGQHCVSE
CPKNKYNDRGVCRECHATCDGCTGPKDTIGIGACTHHHHHH
;
A,C
2 'polypeptide(L)' TFPTYKCPETFDAWYCLNDAHCFAVKIADLPVYSCECAIGFMGQRCEYKEID D
#
# COMPACT_ATOMS: atom_id res chain seq x y z
N HIS A 4 0.07 -4.55 21.34
CA HIS A 4 1.40 -4.32 21.97
C HIS A 4 1.74 -2.86 22.12
N HIS A 5 2.95 -2.49 21.74
CA HIS A 5 3.62 -1.20 22.11
C HIS A 5 4.09 -1.11 23.57
N HIS A 6 4.08 -2.26 24.26
CA HIS A 6 4.06 -2.44 25.72
C HIS A 6 2.81 -1.89 26.40
N LYS A 7 2.89 -0.79 27.15
CA LYS A 7 1.63 -0.17 27.57
C LYS A 7 1.46 1.28 27.10
N ILE A 8 0.41 1.50 26.32
CA ILE A 8 0.10 2.83 25.82
C ILE A 8 -0.90 3.52 26.71
N CYS A 9 -0.58 4.74 27.13
CA CYS A 9 -1.49 5.63 27.82
C CYS A 9 -2.04 6.64 26.90
N ILE A 10 -3.16 7.23 27.27
CA ILE A 10 -3.54 8.49 26.64
C ILE A 10 -3.25 9.69 27.54
N GLY A 11 -2.56 10.69 27.02
CA GLY A 11 -2.22 11.87 27.80
C GLY A 11 -3.43 12.71 28.03
N THR A 12 -3.26 13.87 28.66
CA THR A 12 -4.38 14.75 28.89
C THR A 12 -4.21 16.14 28.26
N LYS A 13 -5.31 16.71 27.84
CA LYS A 13 -5.30 18.03 27.22
C LYS A 13 -5.56 19.12 28.25
N SER A 14 -6.35 18.81 29.28
CA SER A 14 -6.75 19.80 30.32
C SER A 14 -5.55 20.35 31.09
N ARG A 15 -5.28 21.62 30.91
CA ARG A 15 -3.92 22.11 31.17
C ARG A 15 -3.97 23.19 32.21
N LEU A 16 -3.18 23.05 33.26
CA LEU A 16 -3.08 24.17 34.24
C LEU A 16 -4.43 24.52 34.90
N SER A 17 -5.37 23.58 34.83
CA SER A 17 -6.74 23.72 35.31
C SER A 17 -6.81 23.10 36.69
N VAL A 18 -7.34 23.82 37.67
CA VAL A 18 -7.26 23.38 39.08
C VAL A 18 -8.39 22.40 39.40
N PRO A 19 -8.12 21.40 40.29
CA PRO A 19 -9.21 20.48 40.59
C PRO A 19 -9.80 20.71 41.97
N SER A 20 -11.13 20.64 42.05
CA SER A 20 -11.86 20.80 43.33
C SER A 20 -11.48 19.77 44.38
N ASN A 21 -11.31 18.51 43.99
CA ASN A 21 -10.97 17.44 44.95
C ASN A 21 -9.58 16.88 44.68
N LYS A 22 -8.64 17.14 45.58
CA LYS A 22 -7.29 16.64 45.37
C LYS A 22 -7.14 15.11 45.39
N GLU A 23 -7.92 14.41 46.22
CA GLU A 23 -7.86 12.94 46.26
C GLU A 23 -8.40 12.30 44.97
N HIS A 24 -9.58 12.70 44.48
CA HIS A 24 -10.09 12.20 43.19
C HIS A 24 -9.04 12.40 42.12
N HIS A 25 -8.37 13.56 42.13
CA HIS A 25 -7.39 13.88 41.10
C HIS A 25 -6.18 12.96 41.13
N TYR A 26 -5.63 12.75 42.31
CA TYR A 26 -4.51 11.84 42.50
C TYR A 26 -4.95 10.46 42.02
N ARG A 27 -6.12 10.02 42.48
CA ARG A 27 -6.69 8.72 42.07
C ARG A 27 -6.77 8.59 40.56
N ASN A 28 -7.17 9.68 39.90
CA ASN A 28 -7.22 9.69 38.45
C ASN A 28 -5.87 9.50 37.77
N LEU A 29 -4.88 10.30 38.19
CA LEU A 29 -3.57 10.21 37.63
C LEU A 29 -2.99 8.82 37.85
N ARG A 30 -3.17 8.28 39.05
CA ARG A 30 -2.71 6.93 39.37
C ARG A 30 -3.36 5.89 38.44
N ASP A 31 -4.67 5.95 38.29
CA ASP A 31 -5.37 5.06 37.35
C ASP A 31 -4.89 5.15 35.93
N ARG A 32 -4.74 6.37 35.42
CA ARG A 32 -4.28 6.59 34.05
C ARG A 32 -2.85 6.13 33.75
N TYR A 33 -1.93 6.31 34.67
CA TYR A 33 -0.56 6.14 34.27
C TYR A 33 0.12 4.86 34.71
N THR A 34 -0.43 4.18 35.71
CA THR A 34 0.18 2.94 36.20
C THR A 34 0.49 1.93 35.08
N ASN A 35 1.61 1.22 35.24
CA ASN A 35 2.07 0.23 34.26
C ASN A 35 2.36 0.77 32.84
N CYS A 36 2.07 2.05 32.60
CA CYS A 36 2.31 2.67 31.30
C CYS A 36 3.75 2.91 30.95
N THR A 37 4.08 2.57 29.70
CA THR A 37 5.42 2.78 29.17
C THR A 37 5.51 3.95 28.17
N TYR A 38 4.44 4.17 27.43
CA TYR A 38 4.47 5.11 26.31
C TYR A 38 3.23 5.98 26.37
N VAL A 39 3.37 7.25 26.69
CA VAL A 39 2.18 8.09 26.80
C VAL A 39 1.94 8.83 25.49
N ASP A 40 0.84 8.45 24.84
CA ASP A 40 0.42 9.04 23.58
C ASP A 40 -0.42 10.24 23.95
N GLY A 41 0.21 11.40 23.98
CA GLY A 41 -0.46 12.62 24.42
C GLY A 41 0.47 13.40 25.33
N ASN A 42 -0.09 14.30 26.13
CA ASN A 42 0.74 15.06 27.06
C ASN A 42 0.69 14.42 28.42
N LEU A 43 1.79 14.41 29.15
CA LEU A 43 1.73 13.89 30.51
C LEU A 43 1.77 15.09 31.40
N GLU A 44 0.65 15.41 32.05
CA GLU A 44 0.64 16.55 32.98
C GLU A 44 0.41 16.19 34.46
N LEU A 45 1.44 16.36 35.29
CA LEU A 45 1.29 16.28 36.74
C LEU A 45 0.88 17.63 37.30
N THR A 46 -0.41 17.80 37.62
CA THR A 46 -0.89 19.02 38.23
C THR A 46 -1.45 18.78 39.63
N TRP A 47 -1.33 19.81 40.46
CA TRP A 47 -1.94 19.88 41.80
C TRP A 47 -1.87 18.64 42.67
N LEU A 48 -0.66 18.11 42.86
CA LEU A 48 -0.39 17.12 43.88
C LEU A 48 0.26 17.88 45.00
N PRO A 49 -0.49 18.14 46.09
CA PRO A 49 0.09 18.99 47.12
C PRO A 49 0.63 18.18 48.28
N ASN A 50 0.11 16.96 48.45
CA ASN A 50 0.52 16.12 49.56
C ASN A 50 1.85 15.42 49.37
N GLU A 51 2.81 15.76 50.21
CA GLU A 51 4.15 15.19 50.15
C GLU A 51 4.21 13.68 50.44
N ASN A 52 3.14 13.14 51.02
CA ASN A 52 3.01 11.70 51.29
C ASN A 52 2.66 10.88 50.06
N LEU A 53 2.09 11.54 49.05
CA LEU A 53 1.60 10.86 47.86
C LEU A 53 2.68 10.00 47.24
N ASP A 54 2.23 8.87 46.72
CA ASP A 54 3.11 7.91 46.09
C ASP A 54 3.05 8.06 44.56
N LEU A 55 4.18 8.42 43.96
CA LEU A 55 4.26 8.67 42.52
C LEU A 55 4.93 7.54 41.72
N SER A 56 4.68 6.30 42.12
CA SER A 56 5.29 5.17 41.45
C SER A 56 4.54 4.82 40.16
N PHE A 57 3.49 5.56 39.81
CA PHE A 57 2.87 5.36 38.49
C PHE A 57 3.73 5.91 37.37
N LEU A 58 4.59 6.88 37.69
CA LEU A 58 5.59 7.41 36.77
C LEU A 58 6.68 6.37 36.49
N ASP A 59 6.65 5.24 37.21
CA ASP A 59 7.78 4.31 37.24
C ASP A 59 8.17 3.65 35.92
N ASN A 60 7.23 3.42 35.02
CA ASN A 60 7.52 2.69 33.79
C ASN A 60 7.39 3.53 32.53
N ILE A 61 7.02 4.80 32.67
CA ILE A 61 6.98 5.70 31.52
C ILE A 61 8.38 5.85 30.91
N ARG A 62 8.47 5.61 29.61
CA ARG A 62 9.72 5.64 28.90
C ARG A 62 9.70 6.71 27.82
N GLU A 63 8.54 7.00 27.26
CA GLU A 63 8.42 7.99 26.21
C GLU A 63 7.08 8.70 26.27
N VAL A 64 7.10 9.98 25.95
CA VAL A 64 5.92 10.85 25.92
C VAL A 64 5.89 11.56 24.55
N THR A 65 4.81 11.37 23.81
CA THR A 65 4.75 11.91 22.45
C THR A 65 4.58 13.43 22.42
N GLY A 66 3.85 13.96 23.39
CA GLY A 66 3.54 15.39 23.45
C GLY A 66 4.47 16.11 24.40
N TYR A 67 3.90 16.94 25.28
CA TYR A 67 4.69 17.65 26.31
C TYR A 67 4.50 17.10 27.75
N ILE A 68 5.43 17.44 28.63
CA ILE A 68 5.29 17.19 30.07
C ILE A 68 5.13 18.51 30.83
N LEU A 69 4.01 18.63 31.56
CA LEU A 69 3.74 19.78 32.42
C LEU A 69 3.77 19.26 33.84
N ILE A 70 4.60 19.87 34.69
CA ILE A 70 4.64 19.53 36.11
C ILE A 70 4.32 20.82 36.83
N SER A 71 3.15 20.93 37.43
CA SER A 71 2.78 22.17 38.12
C SER A 71 2.05 21.94 39.43
N HIS A 72 2.39 22.78 40.41
CA HIS A 72 1.85 22.66 41.75
C HIS A 72 2.02 21.24 42.25
N VAL A 73 3.24 20.74 42.18
CA VAL A 73 3.50 19.43 42.73
C VAL A 73 4.41 19.67 43.92
N ASP A 74 4.02 19.11 45.06
CA ASP A 74 4.70 19.48 46.26
C ASP A 74 5.45 18.34 46.93
N VAL A 75 5.40 17.15 46.36
CA VAL A 75 6.09 15.99 46.96
C VAL A 75 7.59 16.17 46.87
N LYS A 76 8.32 15.74 47.90
CA LYS A 76 9.72 16.13 48.04
C LYS A 76 10.59 15.74 46.85
N LYS A 77 10.45 14.48 46.39
CA LYS A 77 11.17 13.99 45.19
C LYS A 77 10.20 13.52 44.14
N VAL A 78 10.28 14.08 42.94
CA VAL A 78 9.51 13.60 41.80
C VAL A 78 10.54 12.95 40.92
N VAL A 79 10.35 11.68 40.63
CA VAL A 79 11.31 10.89 39.85
C VAL A 79 10.70 10.13 38.67
N PHE A 80 11.16 10.41 37.45
CA PHE A 80 10.79 9.59 36.28
C PHE A 80 11.93 8.62 36.03
N PRO A 81 11.87 7.41 36.62
CA PRO A 81 12.98 6.47 36.61
C PRO A 81 13.35 5.99 35.21
N LYS A 82 12.38 5.88 34.30
CA LYS A 82 12.65 5.27 32.99
C LYS A 82 12.37 6.13 31.75
N LEU A 83 11.73 7.29 31.91
CA LEU A 83 11.49 8.21 30.78
C LEU A 83 12.81 8.57 30.11
N GLN A 84 12.91 8.41 28.79
CA GLN A 84 14.11 8.84 28.07
C GLN A 84 13.91 9.83 26.91
N ILE A 85 12.67 9.96 26.42
CA ILE A 85 12.38 10.77 25.25
C ILE A 85 11.10 11.56 25.40
N ILE A 86 11.14 12.84 25.07
CA ILE A 86 9.92 13.67 24.98
C ILE A 86 9.83 14.17 23.54
N ARG A 87 8.81 13.75 22.82
CA ARG A 87 8.78 14.11 21.42
C ARG A 87 8.37 15.55 21.17
N GLY A 88 7.55 16.11 22.04
CA GLY A 88 7.04 17.46 21.83
C GLY A 88 6.37 17.67 20.47
N ARG A 89 5.56 16.70 20.03
CA ARG A 89 4.77 16.84 18.80
C ARG A 89 3.67 17.88 18.99
N THR A 90 3.27 18.04 20.23
CA THR A 90 2.40 19.10 20.66
C THR A 90 3.15 19.74 21.82
N LEU A 91 3.13 21.06 21.90
CA LEU A 91 3.90 21.75 22.95
C LEU A 91 3.00 22.57 23.83
N PHE A 92 3.41 22.79 25.08
CA PHE A 92 2.62 23.61 26.01
C PHE A 92 3.17 25.01 26.06
N SER A 93 2.34 25.99 25.74
CA SER A 93 2.71 27.39 25.94
C SER A 93 1.57 28.24 26.47
N LEU A 94 1.91 29.23 27.29
CA LEU A 94 0.90 30.09 27.92
C LEU A 94 0.21 31.03 26.93
N SER A 95 -0.71 31.85 27.46
CA SER A 95 -1.54 32.74 26.63
C SER A 95 -0.75 33.93 26.10
N GLU A 98 4.40 33.58 24.70
CA GLU A 98 4.50 33.03 23.34
C GLU A 98 5.43 31.78 23.19
N GLU A 99 6.48 31.67 24.03
CA GLU A 99 7.39 30.49 24.02
C GLU A 99 6.68 29.14 24.28
N LYS A 100 7.18 28.08 23.63
CA LYS A 100 6.53 26.75 23.58
C LYS A 100 7.36 25.63 24.19
N TYR A 101 6.78 24.93 25.16
CA TYR A 101 7.53 24.00 25.99
C TYR A 101 7.24 22.54 25.75
N ALA A 102 8.29 21.72 25.83
CA ALA A 102 8.14 20.27 25.81
C ALA A 102 8.19 19.80 27.24
N LEU A 103 8.93 20.54 28.06
CA LEU A 103 9.00 20.34 29.51
C LEU A 103 8.84 21.67 30.23
N PHE A 104 7.82 21.78 31.08
CA PHE A 104 7.49 23.02 31.77
C PHE A 104 7.12 22.75 33.22
N VAL A 105 7.84 23.38 34.15
CA VAL A 105 7.73 23.06 35.58
C VAL A 105 7.52 24.33 36.40
N THR A 106 6.29 24.55 36.89
CA THR A 106 5.96 25.78 37.63
C THR A 106 5.32 25.54 38.98
N TYR A 107 5.52 26.51 39.87
CA TYR A 107 4.86 26.55 41.17
C TYR A 107 4.86 25.22 41.92
N SER A 108 5.97 24.51 41.82
CA SER A 108 6.09 23.24 42.51
C SER A 108 7.11 23.35 43.62
N LYS A 109 6.92 22.56 44.67
CA LYS A 109 7.70 22.75 45.87
C LYS A 109 8.65 21.61 46.09
N MET A 110 8.69 20.69 45.11
CA MET A 110 9.54 19.53 45.23
C MET A 110 10.97 19.98 45.41
N TYR A 111 11.71 19.19 46.18
CA TYR A 111 13.11 19.46 46.46
C TYR A 111 13.98 19.00 45.31
N THR A 112 13.71 17.80 44.81
CA THR A 112 14.46 17.24 43.71
C THR A 112 13.55 16.71 42.60
N LEU A 113 13.87 17.05 41.35
CA LEU A 113 13.17 16.46 40.18
C LEU A 113 14.13 15.54 39.42
N GLU A 114 13.89 14.24 39.45
CA GLU A 114 14.88 13.30 38.93
C GLU A 114 14.46 12.59 37.63
N ILE A 115 15.14 12.94 36.54
CA ILE A 115 14.85 12.30 35.27
C ILE A 115 16.15 11.69 34.77
N PRO A 116 16.70 10.74 35.53
CA PRO A 116 18.12 10.36 35.39
C PRO A 116 18.50 9.85 33.98
N ASP A 117 17.49 9.46 33.21
CA ASP A 117 17.75 8.81 31.96
C ASP A 117 16.98 9.52 30.87
N LEU A 118 17.06 10.85 30.85
CA LEU A 118 16.36 11.62 29.84
C LEU A 118 17.39 12.04 28.85
N ARG A 119 17.42 11.34 27.74
CA ARG A 119 18.46 11.55 26.77
C ARG A 119 18.14 12.62 25.73
N ASP A 120 16.87 12.77 25.36
CA ASP A 120 16.53 13.63 24.23
C ASP A 120 15.12 14.24 24.25
N VAL A 121 15.07 15.55 24.09
CA VAL A 121 13.82 16.29 23.87
C VAL A 121 13.82 16.74 22.41
N LEU A 122 13.06 16.03 21.57
CA LEU A 122 13.13 16.16 20.11
C LEU A 122 12.58 17.46 19.60
N ASN A 123 11.67 18.06 20.35
CA ASN A 123 11.05 19.24 19.86
C ASN A 123 10.54 20.12 21.01
N GLY A 124 10.59 21.43 20.84
CA GLY A 124 10.16 22.35 21.90
C GLY A 124 11.22 22.59 22.95
N GLN A 125 10.94 23.53 23.85
CA GLN A 125 11.94 24.00 24.78
C GLN A 125 11.68 23.56 26.21
N VAL A 126 12.73 23.51 27.04
CA VAL A 126 12.58 23.26 28.48
C VAL A 126 12.38 24.59 29.23
N GLY A 127 11.54 24.59 30.27
CA GLY A 127 11.26 25.79 31.02
C GLY A 127 10.98 25.50 32.48
N PHE A 128 11.60 26.26 33.37
CA PHE A 128 11.31 26.19 34.80
C PHE A 128 10.85 27.55 35.32
N HIS A 129 9.88 27.56 36.23
CA HIS A 129 9.37 28.80 36.78
C HIS A 129 8.83 28.62 38.20
N ASN A 130 9.43 29.34 39.15
CA ASN A 130 8.94 29.45 40.54
C ASN A 130 8.99 28.20 41.41
N ASN A 131 10.08 27.45 41.34
CA ASN A 131 10.15 26.20 42.12
C ASN A 131 11.22 26.34 43.19
N TYR A 132 10.80 26.79 44.37
CA TYR A 132 11.73 27.35 45.37
C TYR A 132 12.68 26.37 46.06
N ASN A 133 12.30 25.10 46.10
CA ASN A 133 13.14 24.07 46.68
C ASN A 133 13.86 23.27 45.60
N LEU A 134 13.38 23.39 44.36
CA LEU A 134 13.91 22.62 43.23
C LEU A 134 15.40 22.82 43.07
N CYS A 135 16.09 21.75 42.74
CA CYS A 135 17.53 21.85 42.67
C CYS A 135 18.23 21.15 41.51
N HIS A 136 19.50 21.51 41.32
CA HIS A 136 20.41 20.83 40.39
C HIS A 136 20.14 21.13 38.94
N MET A 137 18.95 21.65 38.65
CA MET A 137 18.53 21.98 37.30
C MET A 137 19.54 22.84 36.59
N ARG A 138 20.25 23.68 37.34
CA ARG A 138 21.23 24.59 36.77
C ARG A 138 22.49 23.87 36.40
N THR A 139 22.69 22.67 36.95
CA THR A 139 23.86 21.86 36.61
C THR A 139 23.66 20.96 35.36
N ILE A 140 22.56 21.15 34.63
CA ILE A 140 22.17 20.19 33.60
C ILE A 140 22.82 20.34 32.23
N GLN A 141 22.87 21.55 31.67
CA GLN A 141 23.45 21.67 30.33
C GLN A 141 22.49 21.02 29.34
N TRP A 142 21.34 21.67 29.26
CA TRP A 142 20.22 21.24 28.45
C TRP A 142 20.56 21.16 26.97
N SER A 143 21.57 21.91 26.54
CA SER A 143 22.00 21.94 25.15
C SER A 143 22.26 20.55 24.59
N GLU A 144 22.63 19.64 25.47
CA GLU A 144 22.83 18.24 25.14
C GLU A 144 21.49 17.54 24.93
N ILE A 145 20.57 17.70 25.88
CA ILE A 145 19.28 17.00 25.89
C ILE A 145 18.35 17.54 24.81
N VAL A 146 18.25 18.85 24.76
CA VAL A 146 17.32 19.51 23.86
C VAL A 146 17.88 19.43 22.45
N SER A 147 17.28 18.58 21.62
CA SER A 147 17.55 18.63 20.19
C SER A 147 17.32 20.04 19.69
N ASN A 148 17.87 20.34 18.52
CA ASN A 148 18.06 21.72 18.03
C ASN A 148 19.42 22.29 18.47
N GLY A 149 19.97 21.74 19.56
CA GLY A 149 21.26 22.14 20.12
C GLY A 149 21.19 23.50 20.79
N THR A 150 20.26 23.64 21.72
CA THR A 150 19.92 24.94 22.31
C THR A 150 20.02 24.94 23.84
N ASP A 151 20.51 26.05 24.40
CA ASP A 151 20.46 26.27 25.86
C ASP A 151 19.00 26.62 26.26
N ALA A 152 18.49 26.03 27.34
CA ALA A 152 17.10 26.27 27.74
C ALA A 152 16.96 26.68 29.20
N TYR A 153 15.78 27.20 29.57
CA TYR A 153 15.46 27.62 30.94
C TYR A 153 15.47 26.46 31.94
N ALA A 160 17.85 29.35 40.30
CA ALA A 160 18.15 29.64 41.70
C ALA A 160 17.19 28.89 42.63
N PRO A 161 17.74 28.25 43.69
CA PRO A 161 16.90 27.70 44.76
C PRO A 161 17.14 28.34 46.14
N GLU A 162 16.15 28.22 47.02
CA GLU A 162 16.17 28.76 48.39
C GLU A 162 17.18 28.05 49.31
N ARG A 163 17.29 26.72 49.14
CA ARG A 163 18.13 25.86 49.98
C ARG A 163 19.60 25.85 49.59
N GLU A 164 20.41 25.28 50.46
CA GLU A 164 21.77 24.88 50.14
C GLU A 164 21.64 23.56 49.39
N CYS A 165 22.34 23.44 48.28
CA CYS A 165 22.18 22.28 47.41
C CYS A 165 23.27 21.23 47.32
N PRO A 166 22.93 19.96 47.60
CA PRO A 166 23.89 18.87 47.76
C PRO A 166 24.89 18.81 46.64
N LYS A 167 26.17 18.78 46.98
CA LYS A 167 27.20 18.56 46.00
C LYS A 167 26.78 17.41 45.07
N CYS A 168 26.78 17.69 43.78
CA CYS A 168 26.60 16.69 42.75
C CYS A 168 27.57 15.54 43.01
N HIS A 169 27.15 14.29 42.82
CA HIS A 169 28.01 13.13 43.09
C HIS A 169 29.35 13.21 42.36
N GLU A 170 30.41 12.70 43.00
CA GLU A 170 31.76 12.72 42.43
C GLU A 170 31.92 11.96 41.11
N SER A 171 31.23 10.82 40.97
CA SER A 171 31.12 10.09 39.71
C SER A 171 30.74 11.01 38.56
N CYS A 172 29.85 11.96 38.85
CA CYS A 172 29.30 12.87 37.84
C CYS A 172 30.33 13.70 37.10
N THR A 173 30.40 13.44 35.80
CA THR A 173 31.29 14.09 34.85
C THR A 173 31.00 15.58 34.71
N HIS A 174 29.71 15.91 34.71
CA HIS A 174 29.29 17.30 34.60
C HIS A 174 28.16 17.63 35.53
N GLY A 175 27.00 17.02 35.36
CA GLY A 175 25.82 17.41 36.12
C GLY A 175 25.01 16.26 36.68
N CYS A 176 24.10 16.56 37.60
CA CYS A 176 23.19 15.55 38.14
C CYS A 176 21.78 16.08 38.24
N TRP A 177 20.85 15.12 38.26
CA TRP A 177 19.45 15.38 38.42
C TRP A 177 19.15 15.33 39.88
N GLY A 178 20.06 14.73 40.64
CA GLY A 178 19.91 14.70 42.07
C GLY A 178 21.12 14.09 42.74
N GLU A 179 20.90 13.53 43.92
CA GLU A 179 21.96 12.94 44.71
C GLU A 179 22.35 11.55 44.21
N GLY A 180 23.61 11.19 44.40
CA GLY A 180 24.08 9.87 44.05
C GLY A 180 24.61 9.84 42.65
N PRO A 181 25.17 8.69 42.22
CA PRO A 181 25.83 8.46 40.91
C PRO A 181 24.87 8.00 39.81
N LYS A 182 23.73 7.46 40.21
CA LYS A 182 22.70 7.02 39.27
C LYS A 182 21.96 8.22 38.73
N ASN A 183 22.15 9.37 39.39
CA ASN A 183 21.62 10.65 38.93
C ASN A 183 22.59 11.48 38.09
N CYS A 184 23.74 10.92 37.73
CA CYS A 184 24.66 11.60 36.83
C CYS A 184 24.01 11.85 35.49
N GLN A 185 24.26 13.02 34.89
CA GLN A 185 23.76 13.23 33.54
C GLN A 185 24.66 12.60 32.48
N LYS A 186 24.05 11.82 31.58
CA LYS A 186 24.77 11.14 30.51
C LYS A 186 24.80 12.00 29.26
N PHE A 187 25.87 11.86 28.46
CA PHE A 187 26.13 12.72 27.31
C PHE A 187 26.34 11.99 25.99
N SER A 188 25.02 11.51 25.36
CA SER A 188 25.15 10.89 24.05
C SER A 188 25.60 11.89 23.03
N LYS A 189 25.50 13.18 23.34
CA LYS A 189 25.68 14.19 22.31
C LYS A 189 26.95 15.01 22.45
N LEU A 190 27.16 15.61 23.62
CA LEU A 190 28.25 16.56 23.80
C LEU A 190 29.63 15.88 23.89
N THR A 191 29.69 14.74 24.58
CA THR A 191 30.87 13.86 24.65
C THR A 191 31.51 13.55 23.30
N CYS A 192 30.68 13.55 22.26
CA CYS A 192 31.01 12.99 20.97
C CYS A 192 32.25 13.56 20.29
N SER A 193 32.88 12.73 19.48
CA SER A 193 33.94 13.18 18.60
C SER A 193 33.36 14.10 17.53
N PRO A 194 34.11 15.14 17.13
CA PRO A 194 33.56 15.98 16.07
C PRO A 194 33.24 15.16 14.83
N GLN A 195 33.93 14.04 14.67
CA GLN A 195 33.87 13.26 13.44
C GLN A 195 32.48 12.72 13.18
N CYS A 196 31.61 12.71 14.19
CA CYS A 196 30.20 12.47 13.88
C CYS A 196 29.28 13.56 14.33
N ALA A 197 29.59 14.76 13.85
CA ALA A 197 28.74 15.93 13.95
C ALA A 197 27.38 15.66 13.31
N GLY A 198 26.34 16.06 14.04
CA GLY A 198 24.96 15.85 13.62
C GLY A 198 24.44 14.47 13.93
N GLY A 199 24.88 13.90 15.06
CA GLY A 199 24.40 12.61 15.57
C GLY A 199 24.77 12.41 17.02
N ARG A 200 24.66 11.18 17.50
CA ARG A 200 24.97 10.88 18.90
C ARG A 200 25.76 9.59 19.01
N CYS A 201 26.95 9.72 19.60
CA CYS A 201 27.83 8.57 19.80
C CYS A 201 27.58 7.80 21.08
N TYR A 202 27.75 6.49 20.99
CA TYR A 202 27.74 5.62 22.17
C TYR A 202 29.09 5.62 22.91
N GLY A 203 30.11 6.19 22.28
CA GLY A 203 31.42 6.39 22.90
C GLY A 203 32.14 7.60 22.33
N PRO A 204 33.18 8.10 23.03
CA PRO A 204 33.95 9.29 22.66
C PRO A 204 34.84 9.19 21.41
N LYS A 205 35.30 7.99 21.04
CA LYS A 205 36.13 7.79 19.82
C LYS A 205 35.43 8.12 18.49
N PRO A 206 36.21 8.37 17.42
CA PRO A 206 35.57 8.92 16.22
C PRO A 206 34.80 7.91 15.40
N ARG A 207 34.95 6.63 15.70
CA ARG A 207 34.20 5.60 14.98
C ARG A 207 33.02 5.14 15.79
N GLU A 208 32.92 5.68 17.01
CA GLU A 208 31.95 5.19 17.95
C GLU A 208 30.61 5.88 17.85
N CYS A 209 30.28 6.48 16.71
CA CYS A 209 28.99 7.14 16.73
C CYS A 209 27.83 6.36 16.16
N CYS A 210 26.71 7.06 16.06
CA CYS A 210 25.43 6.41 15.87
C CYS A 210 24.73 6.70 14.59
N HIS A 211 23.80 5.82 14.26
CA HIS A 211 23.05 5.99 13.06
C HIS A 211 22.27 7.28 13.13
N LEU A 212 22.18 7.96 12.00
CA LEU A 212 21.50 9.25 11.96
C LEU A 212 20.03 9.16 12.35
N PHE A 213 19.46 7.96 12.34
CA PHE A 213 18.10 7.80 12.78
C PHE A 213 17.94 7.85 14.30
N CYS A 214 18.99 7.47 15.03
CA CYS A 214 18.95 7.36 16.50
C CYS A 214 18.49 8.64 17.19
N ALA A 215 17.59 8.53 18.18
CA ALA A 215 17.27 9.65 19.06
C ALA A 215 17.75 9.39 20.48
N GLY A 216 18.58 10.31 20.97
CA GLY A 216 19.08 10.28 22.34
C GLY A 216 19.93 9.09 22.79
N GLY A 217 20.71 8.49 21.89
CA GLY A 217 21.53 7.35 22.29
C GLY A 217 21.31 6.09 21.46
N CYS A 218 21.99 5.01 21.87
CA CYS A 218 22.23 3.80 21.04
C CYS A 218 23.39 2.94 21.56
N THR A 219 23.47 1.74 21.03
CA THR A 219 24.41 0.72 21.51
C THR A 219 25.46 0.30 20.46
N GLY A 220 25.16 0.54 19.20
CA GLY A 220 26.06 0.24 18.11
C GLY A 220 25.80 1.22 16.97
N PRO A 221 26.53 1.05 15.88
CA PRO A 221 26.47 1.97 14.75
C PRO A 221 25.21 1.85 13.89
N THR A 222 24.53 0.71 13.90
CA THR A 222 23.37 0.50 12.98
C THR A 222 22.09 1.13 13.49
N GLN A 223 21.16 1.39 12.55
CA GLN A 223 19.82 1.90 12.85
C GLN A 223 19.01 0.90 13.64
N LYS A 224 19.56 -0.31 13.74
CA LYS A 224 19.00 -1.38 14.55
C LYS A 224 19.32 -1.23 16.06
N ASP A 225 20.32 -0.42 16.40
CA ASP A 225 20.76 -0.18 17.79
C ASP A 225 20.29 1.15 18.43
N CYS A 226 19.44 1.88 17.71
CA CYS A 226 18.88 3.13 18.19
C CYS A 226 18.19 2.89 19.56
N ILE A 227 18.28 3.86 20.49
CA ILE A 227 17.44 3.83 21.71
C ILE A 227 15.99 4.13 21.33
N ALA A 228 15.79 5.25 20.64
CA ALA A 228 14.50 5.65 20.15
C ALA A 228 14.84 6.32 18.85
N CYS A 229 13.86 6.61 18.00
CA CYS A 229 14.24 7.13 16.71
C CYS A 229 13.56 8.38 16.28
N LYS A 230 14.31 9.19 15.54
CA LYS A 230 13.79 10.43 14.99
C LYS A 230 12.74 10.18 13.95
N ASN A 231 12.83 9.03 13.26
CA ASN A 231 11.99 8.85 12.11
C ASN A 231 10.77 7.97 12.36
N PHE A 232 10.95 6.65 12.43
CA PHE A 232 9.80 5.74 12.48
C PHE A 232 10.32 4.49 13.09
N PHE A 233 9.63 4.00 14.11
CA PHE A 233 10.17 2.89 14.87
C PHE A 233 9.34 1.69 14.58
N ASP A 234 9.93 0.77 13.83
CA ASP A 234 9.24 -0.43 13.42
C ASP A 234 9.79 -1.62 14.16
N GLU A 235 9.19 -1.95 15.29
CA GLU A 235 9.54 -3.15 16.00
C GLU A 235 11.03 -3.16 16.31
N GLY A 236 11.55 -2.05 16.82
CA GLY A 236 12.96 -1.92 17.15
C GLY A 236 13.91 -1.39 16.09
N VAL A 237 13.52 -1.37 14.83
CA VAL A 237 14.43 -0.93 13.76
C VAL A 237 13.94 0.42 13.35
N CYS A 238 14.80 1.20 12.74
CA CYS A 238 14.37 2.53 12.37
C CYS A 238 14.38 2.89 10.92
N LYS A 239 13.25 3.30 10.39
CA LYS A 239 13.19 3.52 8.97
C LYS A 239 12.46 4.77 8.56
N GLU A 240 12.96 5.37 7.47
CA GLU A 240 12.40 6.58 6.88
C GLU A 240 10.93 6.45 6.81
N GLU A 241 10.49 5.28 6.38
CA GLU A 241 9.10 5.00 6.23
C GLU A 241 8.70 3.61 6.67
N CYS A 242 7.43 3.52 7.00
CA CYS A 242 6.83 2.31 7.44
C CYS A 242 6.45 1.43 6.25
N PRO A 243 6.79 0.13 6.27
CA PRO A 243 6.51 -0.78 5.12
C PRO A 243 5.07 -0.62 4.64
N PRO A 244 4.86 -0.22 3.36
CA PRO A 244 3.51 0.06 2.90
C PRO A 244 2.68 -1.21 2.89
N MET A 245 1.38 -1.03 3.11
CA MET A 245 0.41 -2.10 3.04
C MET A 245 0.21 -2.52 1.59
N ARG A 246 0.27 -1.55 0.69
CA ARG A 246 0.28 -1.87 -0.72
C ARG A 246 1.58 -1.34 -1.32
N LYS A 247 2.33 -2.21 -1.98
CA LYS A 247 3.56 -1.76 -2.64
C LYS A 247 3.50 -1.87 -4.17
N TYR A 248 3.85 -0.77 -4.82
CA TYR A 248 3.74 -0.63 -6.26
C TYR A 248 4.88 -1.34 -6.98
N ASN A 249 4.55 -2.16 -7.94
CA ASN A 249 5.54 -2.93 -8.66
C ASN A 249 5.90 -2.25 -9.97
N PRO A 250 7.12 -1.68 -10.07
CA PRO A 250 7.57 -1.01 -11.31
C PRO A 250 7.56 -1.89 -12.55
N THR A 251 7.76 -3.20 -12.36
CA THR A 251 7.85 -4.11 -13.50
C THR A 251 6.48 -4.42 -14.10
N THR A 252 5.51 -4.74 -13.24
CA THR A 252 4.24 -5.20 -13.70
C THR A 252 3.20 -4.10 -13.73
N TYR A 253 3.56 -2.91 -13.27
CA TYR A 253 2.66 -1.73 -13.16
C TYR A 253 1.39 -2.03 -12.40
N VAL A 254 1.54 -2.62 -11.24
CA VAL A 254 0.39 -3.02 -10.51
C VAL A 254 0.64 -2.75 -9.05
N LEU A 255 -0.36 -2.22 -8.37
CA LEU A 255 -0.17 -1.87 -6.98
C LEU A 255 -0.42 -3.10 -6.10
N GLU A 256 0.60 -3.95 -5.98
CA GLU A 256 0.47 -5.20 -5.23
C GLU A 256 0.20 -4.97 -3.78
N THR A 257 -0.42 -5.98 -3.18
CA THR A 257 -0.65 -6.02 -1.76
C THR A 257 0.63 -6.48 -1.07
N ASN A 258 0.96 -5.88 0.07
CA ASN A 258 2.25 -6.15 0.68
C ASN A 258 2.14 -7.00 1.94
N PRO A 259 2.62 -8.26 1.86
CA PRO A 259 2.59 -9.18 3.01
C PRO A 259 3.36 -8.62 4.21
N GLU A 260 4.49 -7.99 3.95
CA GLU A 260 5.27 -7.32 4.99
C GLU A 260 4.69 -5.99 5.47
N GLY A 261 3.50 -5.64 5.02
CA GLY A 261 2.91 -4.32 5.30
C GLY A 261 2.54 -4.05 6.75
N LYS A 262 2.84 -2.85 7.21
CA LYS A 262 2.39 -2.40 8.53
C LYS A 262 1.65 -1.06 8.46
N TYR A 263 0.88 -0.78 9.50
CA TYR A 263 0.17 0.47 9.61
C TYR A 263 1.02 1.47 10.37
N ALA A 264 0.89 2.75 10.01
CA ALA A 264 1.61 3.79 10.73
C ALA A 264 0.81 4.44 11.86
N TYR A 265 1.21 4.18 13.10
CA TYR A 265 0.59 4.79 14.27
C TYR A 265 1.59 5.80 14.81
N GLY A 266 1.41 7.08 14.47
CA GLY A 266 2.30 8.14 14.89
C GLY A 266 3.66 7.96 14.24
N ALA A 267 4.72 7.93 15.03
CA ALA A 267 6.03 7.56 14.48
C ALA A 267 6.35 6.11 14.83
N THR A 268 5.28 5.32 14.97
CA THR A 268 5.35 3.90 15.28
C THR A 268 4.74 3.13 14.11
N CYS A 269 5.15 1.87 14.00
CA CYS A 269 4.78 1.02 12.92
C CYS A 269 4.18 -0.26 13.46
N VAL A 270 2.88 -0.41 13.29
CA VAL A 270 2.18 -1.51 13.95
C VAL A 270 1.44 -2.42 12.98
N LYS A 271 1.36 -3.70 13.36
CA LYS A 271 0.62 -4.68 12.59
C LYS A 271 -0.89 -4.40 12.73
N GLU A 272 -1.35 -4.29 13.97
CA GLU A 272 -2.73 -3.92 14.22
C GLU A 272 -2.86 -2.52 14.79
N CYS A 273 -3.92 -1.84 14.44
CA CYS A 273 -4.03 -0.49 14.88
C CYS A 273 -4.66 -0.37 16.30
N PRO A 274 -4.17 0.55 17.18
CA PRO A 274 -4.81 0.66 18.50
C PRO A 274 -6.31 0.98 18.44
N GLY A 275 -7.05 0.45 19.42
CA GLY A 275 -8.51 0.56 19.55
C GLY A 275 -9.12 1.91 19.26
N HIS A 276 -8.49 2.98 19.73
CA HIS A 276 -9.02 4.31 19.53
C HIS A 276 -8.84 4.87 18.11
N LEU A 277 -8.08 4.17 17.27
CA LEU A 277 -7.87 4.63 15.90
C LEU A 277 -8.49 3.71 14.88
N LEU A 278 -8.71 4.25 13.69
CA LEU A 278 -9.22 3.47 12.58
C LEU A 278 -8.12 3.33 11.57
N ARG A 279 -8.03 2.17 10.93
CA ARG A 279 -7.06 2.03 9.86
C ARG A 279 -7.65 2.41 8.52
N ASP A 280 -6.92 3.27 7.82
CA ASP A 280 -7.35 3.85 6.58
C ASP A 280 -6.10 4.07 5.75
N ASN A 281 -5.97 3.29 4.67
CA ASN A 281 -4.87 3.44 3.70
C ASN A 281 -3.48 3.22 4.30
N GLY A 282 -3.31 2.14 5.04
CA GLY A 282 -2.02 1.88 5.65
C GLY A 282 -1.57 2.84 6.75
N ALA A 283 -2.44 3.77 7.09
CA ALA A 283 -2.24 4.65 8.24
C ALA A 283 -3.32 4.42 9.28
N CYS A 284 -3.18 5.09 10.40
CA CYS A 284 -4.02 4.91 11.58
C CYS A 284 -4.55 6.21 12.08
N VAL A 285 -5.79 6.47 11.67
CA VAL A 285 -6.39 7.78 11.77
C VAL A 285 -7.50 7.77 12.79
N ARG A 286 -7.80 8.91 13.40
CA ARG A 286 -8.89 8.89 14.34
C ARG A 286 -10.25 8.95 13.67
N SER A 287 -10.30 9.58 12.50
CA SER A 287 -11.53 9.71 11.75
C SER A 287 -11.44 9.16 10.34
N CYS A 288 -12.52 8.53 9.88
CA CYS A 288 -12.69 8.20 8.47
C CYS A 288 -12.87 9.44 7.63
N PRO A 289 -12.49 9.36 6.36
CA PRO A 289 -12.71 10.43 5.39
C PRO A 289 -14.19 10.63 5.06
N GLN A 290 -14.49 11.72 4.36
CA GLN A 290 -15.85 12.01 3.96
C GLN A 290 -16.43 10.91 3.07
N ASP A 291 -15.65 10.44 2.11
CA ASP A 291 -16.11 9.41 1.20
C ASP A 291 -15.92 8.01 1.74
N LYS A 292 -15.69 7.87 3.05
CA LYS A 292 -15.43 6.55 3.60
C LYS A 292 -16.19 6.24 4.90
N MET A 293 -16.40 4.95 5.11
CA MET A 293 -17.30 4.39 6.12
C MET A 293 -16.48 3.64 7.15
N ASP A 294 -16.82 3.82 8.42
CA ASP A 294 -16.18 3.04 9.46
C ASP A 294 -16.81 1.65 9.52
N LYS A 295 -16.00 0.60 9.50
CA LYS A 295 -16.54 -0.75 9.53
C LYS A 295 -15.53 -1.75 10.04
N GLY A 296 -15.74 -2.21 11.27
CA GLY A 296 -14.86 -3.20 11.85
C GLY A 296 -13.48 -2.64 12.14
N GLY A 297 -13.43 -1.37 12.46
CA GLY A 297 -12.19 -0.71 12.80
C GLY A 297 -11.41 -0.24 11.59
N GLU A 298 -12.01 -0.37 10.41
CA GLU A 298 -11.38 0.06 9.17
C GLU A 298 -12.24 1.01 8.35
N CYS A 299 -11.66 2.09 7.86
CA CYS A 299 -12.33 2.91 6.90
C CYS A 299 -12.48 2.15 5.61
N VAL A 300 -13.72 2.03 5.17
CA VAL A 300 -14.12 1.24 4.02
C VAL A 300 -14.95 2.15 3.13
N PRO A 301 -15.03 1.87 1.81
CA PRO A 301 -16.01 2.61 1.00
C PRO A 301 -17.43 2.23 1.39
N CYS A 302 -18.26 3.24 1.59
CA CYS A 302 -19.63 3.07 2.03
C CYS A 302 -20.52 2.84 0.79
N ASN A 303 -21.21 1.70 0.73
CA ASN A 303 -21.97 1.34 -0.46
C ASN A 303 -23.24 2.19 -0.71
N GLY A 304 -23.23 2.95 -1.81
CA GLY A 304 -24.20 4.02 -2.02
C GLY A 304 -23.61 5.34 -1.53
N PRO A 305 -24.48 6.31 -1.13
CA PRO A 305 -24.00 7.52 -0.44
C PRO A 305 -23.53 7.22 0.98
N CYS A 306 -22.68 8.09 1.54
CA CYS A 306 -22.17 7.89 2.89
C CYS A 306 -23.19 8.35 3.91
N PRO A 307 -23.26 7.71 5.06
CA PRO A 307 -24.18 8.08 6.12
C PRO A 307 -23.79 9.39 6.75
N LYS A 308 -24.74 10.17 7.19
CA LYS A 308 -24.44 11.47 7.79
C LYS A 308 -23.82 11.44 9.16
N THR A 309 -22.95 12.39 9.43
CA THR A 309 -22.31 12.52 10.72
C THR A 309 -22.13 13.95 11.16
N CYS A 310 -22.14 14.20 12.46
CA CYS A 310 -21.92 15.53 12.99
C CYS A 310 -20.90 15.40 14.09
N PRO A 311 -20.14 16.46 14.33
CA PRO A 311 -19.11 16.35 15.36
C PRO A 311 -19.72 16.46 16.74
N GLY A 312 -19.04 15.86 17.71
CA GLY A 312 -19.44 15.96 19.10
C GLY A 312 -19.19 17.35 19.62
N VAL A 313 -19.72 17.63 20.80
CA VAL A 313 -19.58 18.93 21.42
C VAL A 313 -19.13 18.72 22.88
N THR A 314 -18.33 19.63 23.42
CA THR A 314 -17.80 19.45 24.78
C THR A 314 -18.91 19.52 25.82
N VAL A 315 -19.95 20.33 25.57
CA VAL A 315 -21.09 20.51 26.48
C VAL A 315 -22.28 20.81 25.59
N LEU A 316 -23.40 20.13 25.80
CA LEU A 316 -24.59 20.41 25.02
C LEU A 316 -25.30 21.66 25.53
N HIS A 317 -25.82 22.47 24.61
CA HIS A 317 -26.57 23.69 24.93
C HIS A 317 -27.39 24.16 23.71
N ALA A 318 -28.20 25.20 23.91
CA ALA A 318 -29.04 25.79 22.84
C ALA A 318 -28.28 26.09 21.55
N GLY A 319 -27.06 26.60 21.69
CA GLY A 319 -26.23 26.97 20.54
C GLY A 319 -25.93 25.83 19.59
N ASN A 320 -25.62 24.67 20.17
CA ASN A 320 -25.21 23.54 19.37
C ASN A 320 -26.23 22.41 19.29
N ILE A 321 -27.34 22.48 20.03
CA ILE A 321 -28.30 21.37 19.96
C ILE A 321 -28.87 21.12 18.54
N ASP A 322 -29.18 22.19 17.82
CA ASP A 322 -29.72 22.05 16.48
C ASP A 322 -28.78 21.31 15.53
N SER A 323 -27.49 21.56 15.68
CA SER A 323 -26.46 20.92 14.88
C SER A 323 -26.55 19.40 14.81
N PHE A 324 -27.26 18.78 15.74
CA PHE A 324 -27.38 17.31 15.72
C PHE A 324 -28.59 16.79 14.96
N ARG A 325 -29.34 17.68 14.31
CA ARG A 325 -30.55 17.30 13.54
C ARG A 325 -30.27 16.29 12.44
N ASN A 326 -30.99 15.19 12.47
CA ASN A 326 -30.82 14.08 11.52
C ASN A 326 -29.51 13.31 11.58
N CYS A 327 -28.80 13.37 12.70
CA CYS A 327 -27.53 12.70 12.79
C CYS A 327 -27.61 11.24 13.03
N THR A 328 -26.93 10.48 12.19
CA THR A 328 -26.93 9.05 12.37
C THR A 328 -25.76 8.60 13.25
N VAL A 329 -24.67 9.37 13.20
CA VAL A 329 -23.46 9.07 13.99
C VAL A 329 -22.96 10.36 14.62
N ILE A 330 -22.51 10.27 15.86
CA ILE A 330 -21.92 11.40 16.57
C ILE A 330 -20.46 11.11 16.76
N ASP A 331 -19.62 11.85 16.02
CA ASP A 331 -18.16 11.71 16.14
C ASP A 331 -17.55 12.71 17.12
N GLY A 332 -17.48 12.25 18.37
CA GLY A 332 -17.13 13.07 19.52
C GLY A 332 -17.87 12.55 20.73
N ASN A 333 -17.99 13.39 21.76
CA ASN A 333 -18.61 13.03 23.02
C ASN A 333 -19.90 13.82 23.21
N ILE A 334 -20.73 13.36 24.14
CA ILE A 334 -21.89 14.14 24.57
C ILE A 334 -21.94 14.25 26.08
N ARG A 335 -21.84 15.49 26.54
CA ARG A 335 -21.98 15.81 27.93
C ARG A 335 -23.28 16.56 28.09
N ILE A 336 -24.18 16.06 28.93
CA ILE A 336 -25.39 16.78 29.24
C ILE A 336 -25.34 17.20 30.70
N LEU A 337 -25.27 18.50 30.93
CA LEU A 337 -25.05 19.04 32.26
C LEU A 337 -26.24 19.88 32.76
N ASP A 338 -26.29 20.16 34.06
CA ASP A 338 -27.27 21.09 34.59
C ASP A 338 -27.29 22.35 33.74
N GLN A 339 -26.09 22.69 33.27
CA GLN A 339 -25.80 23.82 32.42
C GLN A 339 -26.59 23.74 31.13
N THR A 340 -26.76 22.53 30.62
CA THR A 340 -27.45 22.26 29.37
C THR A 340 -28.89 22.70 29.43
N PHE A 341 -29.56 22.30 30.50
CA PHE A 341 -30.92 22.72 30.79
C PHE A 341 -31.04 24.13 31.26
N SER A 342 -30.16 24.47 32.18
CA SER A 342 -30.13 25.75 32.81
C SER A 342 -29.81 26.81 31.80
N GLY A 343 -29.03 26.40 30.83
CA GLY A 343 -28.51 27.32 29.84
C GLY A 343 -27.31 27.62 30.66
N PHE A 344 -26.18 27.90 30.04
CA PHE A 344 -25.04 28.12 30.88
C PHE A 344 -24.10 29.18 30.43
N GLN A 345 -23.53 29.85 31.40
CA GLN A 345 -22.55 30.90 31.10
C GLN A 345 -21.30 30.35 30.43
N ASP A 346 -21.09 30.71 29.17
CA ASP A 346 -19.91 30.25 28.44
C ASP A 346 -18.65 31.00 28.91
N VAL A 347 -17.50 30.55 28.42
CA VAL A 347 -16.20 31.14 28.75
C VAL A 347 -15.19 30.83 27.65
N TYR A 348 -14.20 31.70 27.46
CA TYR A 348 -13.07 31.41 26.56
C TYR A 348 -11.77 31.22 27.37
N ALA A 349 -10.89 30.35 26.84
CA ALA A 349 -9.60 29.95 27.48
C ALA A 349 -8.86 31.07 28.21
N ASN A 350 -8.76 32.24 27.56
CA ASN A 350 -8.22 33.46 28.17
C ASN A 350 -8.71 33.68 29.61
N TYR A 351 -9.77 32.95 29.96
CA TYR A 351 -10.57 33.07 31.20
C TYR A 351 -11.62 34.16 31.08
N THR A 352 -11.76 34.73 29.89
CA THR A 352 -12.67 35.85 29.65
C THR A 352 -14.09 35.33 29.53
N MET A 353 -15.03 36.05 30.13
CA MET A 353 -16.43 35.62 30.12
C MET A 353 -17.03 35.63 28.71
N GLY A 354 -17.95 34.70 28.46
CA GLY A 354 -18.65 34.58 27.18
C GLY A 354 -20.15 34.70 27.40
N PRO A 355 -20.87 34.50 26.32
CA PRO A 355 -22.32 34.64 26.25
C PRO A 355 -23.06 33.56 26.97
N ARG A 356 -24.27 33.92 27.35
CA ARG A 356 -25.14 33.02 28.05
C ARG A 356 -26.30 32.69 27.15
N TYR A 357 -26.51 31.40 27.02
CA TYR A 357 -27.53 30.87 26.16
C TYR A 357 -28.79 30.52 26.84
N ILE A 358 -29.82 31.18 26.37
CA ILE A 358 -31.12 30.90 26.86
C ILE A 358 -31.08 29.42 27.14
N PRO A 359 -31.75 28.99 28.19
CA PRO A 359 -31.78 27.60 28.58
C PRO A 359 -32.67 26.89 27.63
N LEU A 360 -32.65 25.57 27.61
CA LEU A 360 -33.49 24.80 26.71
C LEU A 360 -34.18 23.77 27.51
N ASP A 361 -35.31 23.25 27.05
CA ASP A 361 -35.90 22.17 27.80
C ASP A 361 -35.65 20.84 27.11
N PRO A 362 -35.76 19.75 27.89
CA PRO A 362 -35.53 18.38 27.48
C PRO A 362 -36.17 17.98 26.16
N GLU A 363 -37.34 18.54 25.84
CA GLU A 363 -38.03 18.12 24.62
C GLU A 363 -37.15 18.32 23.39
N ARG A 364 -36.33 19.36 23.43
CA ARG A 364 -35.37 19.63 22.36
C ARG A 364 -34.37 18.50 22.16
N LEU A 365 -34.20 17.62 23.15
CA LEU A 365 -33.29 16.50 23.00
C LEU A 365 -33.77 15.44 22.00
N GLU A 366 -34.95 15.63 21.41
CA GLU A 366 -35.44 14.65 20.41
C GLU A 366 -34.66 14.64 19.09
N VAL A 367 -33.64 15.50 19.00
CA VAL A 367 -32.77 15.58 17.82
C VAL A 367 -31.99 14.30 17.63
N PHE A 368 -31.68 13.68 18.77
CA PHE A 368 -30.82 12.52 18.83
C PHE A 368 -31.56 11.26 18.50
N SER A 369 -32.75 11.45 17.95
CA SER A 369 -33.61 10.34 17.65
C SER A 369 -33.08 9.56 16.47
N THR A 370 -32.39 10.25 15.57
CA THR A 370 -31.83 9.55 14.44
C THR A 370 -30.49 8.89 14.76
N VAL A 371 -29.90 9.23 15.91
CA VAL A 371 -28.57 8.73 16.28
C VAL A 371 -28.54 7.23 16.58
N LYS A 372 -27.57 6.56 15.96
CA LYS A 372 -27.34 5.11 16.08
C LYS A 372 -25.99 4.74 16.76
N GLU A 373 -24.96 5.60 16.57
CA GLU A 373 -23.66 5.40 17.20
C GLU A 373 -23.02 6.66 17.72
N ILE A 374 -22.39 6.56 18.88
CA ILE A 374 -21.53 7.61 19.43
C ILE A 374 -20.12 7.05 19.58
N THR A 375 -19.16 7.66 18.88
CA THR A 375 -17.80 7.12 18.80
C THR A 375 -17.02 7.35 20.08
N GLY A 376 -17.37 8.40 20.82
CA GLY A 376 -16.71 8.73 22.09
C GLY A 376 -17.42 8.18 23.30
N TYR A 377 -17.71 9.04 24.28
CA TYR A 377 -18.52 8.61 25.42
C TYR A 377 -19.80 9.41 25.52
N LEU A 378 -20.83 8.77 26.07
CA LEU A 378 -22.08 9.44 26.45
C LEU A 378 -22.12 9.75 27.95
N ASN A 379 -22.25 11.03 28.25
CA ASN A 379 -22.24 11.47 29.62
C ASN A 379 -23.49 12.28 30.00
N ILE A 380 -24.13 11.94 31.11
CA ILE A 380 -25.36 12.61 31.48
C ILE A 380 -25.34 12.92 32.94
N GLU A 381 -25.24 14.22 33.25
CA GLU A 381 -25.32 14.69 34.64
C GLU A 381 -26.32 15.83 34.80
N GLY A 382 -27.07 16.08 33.74
CA GLY A 382 -28.12 17.08 33.77
C GLY A 382 -29.34 16.72 34.59
N THR A 383 -29.96 17.73 35.17
CA THR A 383 -31.18 17.59 35.95
C THR A 383 -32.19 18.65 35.55
N HIS A 384 -33.44 18.23 35.37
CA HIS A 384 -34.56 19.08 35.00
C HIS A 384 -35.79 18.26 35.30
N PRO A 385 -36.86 18.92 35.80
CA PRO A 385 -38.07 18.19 36.21
C PRO A 385 -38.72 17.36 35.10
N GLN A 386 -38.53 17.76 33.85
CA GLN A 386 -39.07 17.04 32.71
C GLN A 386 -38.07 16.13 32.01
N PHE A 387 -36.81 16.21 32.43
CA PHE A 387 -35.76 15.37 31.89
C PHE A 387 -35.70 14.04 32.63
N ARG A 388 -36.59 13.14 32.24
CA ARG A 388 -36.56 11.74 32.68
C ARG A 388 -36.38 10.92 31.42
N ASN A 389 -36.22 9.60 31.58
CA ASN A 389 -35.90 8.73 30.43
C ASN A 389 -34.83 9.27 29.41
N LEU A 390 -34.26 8.36 28.63
CA LEU A 390 -33.19 8.68 27.70
C LEU A 390 -33.62 8.06 26.39
N SER A 391 -34.93 8.08 26.20
CA SER A 391 -35.60 7.59 25.01
C SER A 391 -35.28 8.43 23.79
N TYR A 392 -34.74 9.63 24.00
CA TYR A 392 -34.21 10.44 22.92
C TYR A 392 -33.18 9.62 22.18
N PHE A 393 -32.47 8.76 22.91
CA PHE A 393 -31.45 7.89 22.31
C PHE A 393 -31.98 6.47 22.10
N ARG A 394 -33.28 6.35 21.88
CA ARG A 394 -33.93 5.05 21.66
C ARG A 394 -33.49 4.30 20.39
N ASN A 395 -32.77 4.99 19.50
CA ASN A 395 -32.23 4.34 18.31
C ASN A 395 -30.74 4.15 18.35
N LEU A 396 -30.11 4.68 19.39
CA LEU A 396 -28.70 4.41 19.68
C LEU A 396 -28.46 2.92 19.91
N GLU A 397 -27.52 2.39 19.12
CA GLU A 397 -27.15 0.98 19.14
C GLU A 397 -25.83 0.76 19.85
N THR A 398 -24.82 1.55 19.49
CA THR A 398 -23.50 1.35 20.08
C THR A 398 -22.75 2.63 20.48
N ILE A 399 -22.07 2.53 21.62
CA ILE A 399 -21.13 3.56 22.08
C ILE A 399 -19.75 2.91 22.04
N HIS A 400 -18.94 3.31 21.07
CA HIS A 400 -17.55 2.88 21.00
C HIS A 400 -16.83 3.71 22.03
N GLY A 401 -15.99 3.12 22.85
CA GLY A 401 -15.35 3.97 23.84
C GLY A 401 -14.05 4.51 23.29
N ARG A 402 -14.11 5.16 22.12
CA ARG A 402 -12.85 5.48 21.39
C ARG A 402 -12.11 6.57 22.10
N GLN A 403 -12.88 7.44 22.72
CA GLN A 403 -12.37 8.32 23.72
C GLN A 403 -13.21 8.04 24.97
N LEU A 404 -12.58 8.14 26.16
CA LEU A 404 -13.24 7.86 27.45
C LEU A 404 -13.17 9.05 28.41
N MET A 405 -13.98 9.03 29.46
CA MET A 405 -13.94 10.11 30.42
C MET A 405 -12.69 9.99 31.26
N GLU A 406 -12.27 11.10 31.86
CA GLU A 406 -11.01 11.13 32.63
C GLU A 406 -10.95 10.22 33.86
N SER A 407 -12.08 9.99 34.53
CA SER A 407 -12.08 9.09 35.69
C SER A 407 -12.86 7.78 35.47
N MET A 408 -12.26 6.67 35.90
CA MET A 408 -12.77 5.31 35.68
C MET A 408 -12.89 4.85 34.23
N PHE A 409 -12.35 5.61 33.28
CA PHE A 409 -12.34 5.18 31.87
C PHE A 409 -13.76 4.90 31.38
N ALA A 410 -14.66 5.84 31.68
CA ALA A 410 -16.06 5.61 31.48
C ALA A 410 -16.51 5.95 30.06
N ALA A 411 -17.23 5.01 29.46
CA ALA A 411 -17.82 5.20 28.15
C ALA A 411 -19.26 5.68 28.31
N LEU A 412 -19.89 5.24 29.40
CA LEU A 412 -21.23 5.70 29.76
C LEU A 412 -21.20 6.05 31.24
N ALA A 413 -21.36 7.34 31.52
CA ALA A 413 -21.30 7.85 32.88
C ALA A 413 -22.55 8.69 33.13
N ILE A 414 -23.45 8.18 33.96
CA ILE A 414 -24.69 8.86 34.34
C ILE A 414 -24.57 9.19 35.81
N VAL A 415 -24.39 10.46 36.13
CA VAL A 415 -24.03 10.85 37.48
C VAL A 415 -24.90 12.02 37.89
N LYS A 416 -25.59 11.91 39.03
CA LYS A 416 -26.35 13.03 39.57
C LYS A 416 -27.34 13.63 38.57
N SER A 417 -28.03 12.76 37.84
CA SER A 417 -28.96 13.16 36.82
C SER A 417 -30.33 12.95 37.38
N SER A 418 -31.32 13.62 36.80
CA SER A 418 -32.69 13.55 37.27
C SER A 418 -33.45 12.58 36.38
N LEU A 419 -33.08 11.31 36.42
CA LEU A 419 -33.67 10.38 35.49
C LEU A 419 -34.45 9.34 36.25
N TYR A 420 -35.58 8.94 35.70
CA TYR A 420 -36.35 7.86 36.32
C TYR A 420 -36.04 6.53 35.64
N SER A 421 -35.70 6.55 34.35
CA SER A 421 -35.31 5.33 33.66
C SER A 421 -34.43 5.64 32.45
N LEU A 422 -33.71 4.62 31.97
CA LEU A 422 -32.87 4.79 30.81
C LEU A 422 -33.71 4.82 29.54
N GLU A 423 -34.43 3.74 29.26
CA GLU A 423 -35.32 3.70 28.09
C GLU A 423 -34.66 3.62 26.70
N MET A 424 -33.35 3.44 26.64
CA MET A 424 -32.68 3.22 25.34
C MET A 424 -32.47 1.75 25.06
N ARG A 425 -33.52 1.10 24.54
CA ARG A 425 -33.37 -0.22 23.94
C ARG A 425 -32.48 -0.03 22.72
N ASN A 426 -32.33 -1.07 21.90
CA ASN A 426 -31.34 -1.04 20.79
C ASN A 426 -29.89 -0.76 21.18
N LEU A 427 -29.64 -0.31 22.41
CA LEU A 427 -28.27 -0.20 22.93
C LEU A 427 -27.77 -1.60 23.20
N LYS A 428 -27.26 -2.23 22.15
CA LYS A 428 -26.71 -3.57 22.22
C LYS A 428 -25.25 -3.61 22.65
N GLN A 429 -24.50 -2.53 22.42
CA GLN A 429 -23.06 -2.61 22.70
C GLN A 429 -22.31 -1.35 23.09
N ILE A 430 -21.60 -1.45 24.20
CA ILE A 430 -20.59 -0.48 24.56
C ILE A 430 -19.30 -1.24 24.39
N SER A 431 -18.50 -0.87 23.40
CA SER A 431 -17.22 -1.55 23.17
C SER A 431 -16.09 -0.68 23.71
N SER A 432 -15.19 -1.28 24.48
CA SER A 432 -14.06 -0.51 25.00
C SER A 432 -14.45 0.62 25.99
N GLY A 433 -15.40 0.43 26.89
CA GLY A 433 -15.46 1.43 27.96
C GLY A 433 -15.71 0.82 29.32
N SER A 434 -15.82 1.64 30.35
CA SER A 434 -16.46 1.15 31.58
C SER A 434 -17.77 1.93 31.77
N VAL A 435 -18.75 1.32 32.43
CA VAL A 435 -19.99 2.08 32.71
C VAL A 435 -20.02 2.53 34.16
N VAL A 436 -20.31 3.80 34.37
CA VAL A 436 -20.37 4.37 35.70
C VAL A 436 -21.74 5.02 35.85
N ILE A 437 -22.61 4.39 36.65
CA ILE A 437 -23.92 4.97 37.01
C ILE A 437 -24.01 5.15 38.51
N GLN A 438 -23.85 6.38 38.97
CA GLN A 438 -23.88 6.65 40.40
C GLN A 438 -24.66 7.90 40.79
N HIS A 439 -25.22 7.83 42.00
CA HIS A 439 -25.93 8.92 42.66
C HIS A 439 -27.09 9.51 41.88
N ASN A 440 -27.87 8.68 41.21
CA ASN A 440 -29.10 9.17 40.59
C ASN A 440 -30.26 8.86 41.51
N ARG A 441 -30.77 9.90 42.17
CA ARG A 441 -31.74 9.78 43.28
C ARG A 441 -32.97 8.93 42.95
N ASP A 442 -33.55 9.14 41.77
CA ASP A 442 -34.78 8.46 41.36
C ASP A 442 -34.59 7.52 40.18
N LEU A 443 -33.34 7.19 39.87
CA LEU A 443 -33.05 6.28 38.77
C LEU A 443 -33.22 4.86 39.25
N CYS A 444 -33.81 4.07 38.38
CA CYS A 444 -34.39 2.82 38.73
C CYS A 444 -33.97 1.95 37.54
N TYR A 445 -34.04 0.64 37.64
CA TYR A 445 -33.59 -0.26 36.54
C TYR A 445 -32.07 -0.54 36.46
N VAL A 446 -31.25 0.51 36.44
CA VAL A 446 -29.77 0.41 36.35
C VAL A 446 -29.09 -0.60 37.28
N SER A 447 -29.62 -0.73 38.49
CA SER A 447 -29.14 -1.69 39.44
C SER A 447 -29.34 -3.13 38.89
N ASN A 448 -30.40 -3.35 38.09
CA ASN A 448 -30.77 -4.71 37.63
C ASN A 448 -30.33 -5.12 36.25
N ILE A 449 -29.82 -4.18 35.48
CA ILE A 449 -29.21 -4.45 34.19
C ILE A 449 -27.87 -5.15 34.42
N ARG A 450 -27.63 -6.27 33.77
CA ARG A 450 -26.29 -6.81 33.83
C ARG A 450 -25.49 -6.31 32.65
N TRP A 451 -24.72 -5.27 32.92
CA TRP A 451 -24.02 -4.48 31.92
C TRP A 451 -22.95 -5.21 31.08
N PRO A 452 -22.34 -6.27 31.64
CA PRO A 452 -21.44 -7.05 30.81
C PRO A 452 -22.14 -7.61 29.56
N ALA A 453 -23.44 -7.84 29.64
CA ALA A 453 -24.19 -8.31 28.48
C ALA A 453 -24.08 -7.32 27.31
N ILE A 454 -23.98 -6.03 27.62
CA ILE A 454 -23.82 -5.00 26.63
C ILE A 454 -22.35 -4.76 26.29
N GLN A 455 -21.50 -4.96 27.29
CA GLN A 455 -20.07 -4.72 27.12
C GLN A 455 -19.39 -5.80 26.28
N LYS A 456 -18.33 -5.40 25.60
CA LYS A 456 -17.69 -6.27 24.65
C LYS A 456 -16.63 -7.19 25.29
N GLU A 457 -15.91 -6.70 26.30
CA GLU A 457 -14.82 -7.46 26.91
C GLU A 457 -14.98 -7.60 28.42
N PRO A 458 -14.89 -8.84 28.94
CA PRO A 458 -15.08 -9.03 30.38
C PRO A 458 -14.24 -8.07 31.23
N GLU A 459 -13.05 -7.71 30.75
CA GLU A 459 -12.15 -6.79 31.44
C GLU A 459 -12.75 -5.39 31.68
N GLN A 460 -13.68 -4.98 30.83
CA GLN A 460 -14.43 -3.72 31.01
C GLN A 460 -15.16 -3.75 32.34
N LYS A 461 -15.08 -2.68 33.11
CA LYS A 461 -15.65 -2.65 34.45
C LYS A 461 -16.99 -1.93 34.50
N VAL A 462 -17.82 -2.23 35.50
CA VAL A 462 -19.04 -1.44 35.74
C VAL A 462 -19.13 -0.99 37.20
N TRP A 463 -19.45 0.29 37.42
CA TRP A 463 -19.69 0.79 38.76
C TRP A 463 -21.12 1.25 38.83
N VAL A 464 -21.92 0.63 39.68
CA VAL A 464 -23.30 1.04 39.87
C VAL A 464 -23.57 1.18 41.35
N ASN A 465 -23.57 2.43 41.84
CA ASN A 465 -23.63 2.74 43.27
C ASN A 465 -24.49 4.00 43.52
N GLU A 466 -25.19 4.06 44.66
CA GLU A 466 -25.92 5.26 45.12
C GLU A 466 -27.22 5.63 44.39
N ASN A 467 -27.76 4.76 43.54
CA ASN A 467 -29.02 5.10 42.86
C ASN A 467 -30.22 4.80 43.76
N LEU A 468 -31.45 4.93 43.28
CA LEU A 468 -32.62 4.55 44.07
C LEU A 468 -32.56 3.05 44.37
N ARG A 469 -32.73 2.68 45.62
CA ARG A 469 -32.84 1.28 46.04
C ARG A 469 -33.65 0.42 45.09
N ALA A 470 -33.17 -0.77 44.77
CA ALA A 470 -33.95 -1.69 43.96
C ALA A 470 -35.22 -2.15 44.68
N ASP A 471 -35.17 -2.17 46.01
CA ASP A 471 -36.31 -2.53 46.82
C ASP A 471 -37.39 -1.48 46.73
N LEU A 472 -36.96 -0.22 46.74
CA LEU A 472 -37.89 0.89 46.64
C LEU A 472 -38.58 0.94 45.28
N CYS A 473 -37.89 0.44 44.26
CA CYS A 473 -38.39 0.36 42.89
C CYS A 473 -39.41 -0.74 42.76
N GLU A 474 -39.24 -1.82 43.53
CA GLU A 474 -40.22 -2.90 43.60
C GLU A 474 -41.49 -2.37 44.22
N LYS A 475 -41.37 -1.90 45.46
CA LYS A 475 -42.47 -1.26 46.15
C LYS A 475 -43.09 -0.18 45.23
N ASN A 476 -42.27 0.80 44.82
CA ASN A 476 -42.59 1.88 43.87
C ASN A 476 -43.25 1.27 42.58
N GLY A 477 -43.04 -0.01 42.28
CA GLY A 477 -43.69 -0.72 41.15
C GLY A 477 -42.87 -0.95 39.86
N THR A 478 -42.03 0.04 39.54
CA THR A 478 -41.20 0.10 38.34
C THR A 478 -40.11 -0.98 38.23
N ILE A 479 -40.45 -2.12 37.64
CA ILE A 479 -39.47 -3.20 37.44
C ILE A 479 -39.55 -3.80 36.03
N CYS A 480 -38.75 -4.83 35.76
CA CYS A 480 -38.77 -5.43 34.43
C CYS A 480 -40.03 -6.24 34.22
N SER A 481 -40.49 -6.27 32.98
CA SER A 481 -41.63 -7.07 32.59
C SER A 481 -41.46 -8.50 33.05
N ASP A 482 -42.57 -9.21 33.20
CA ASP A 482 -42.54 -10.64 33.54
C ASP A 482 -41.98 -11.48 32.38
N GLN A 483 -42.04 -10.95 31.16
CA GLN A 483 -41.22 -11.49 30.06
C GLN A 483 -39.84 -10.97 30.38
N CYS A 484 -38.78 -11.59 29.85
CA CYS A 484 -37.36 -11.10 30.06
C CYS A 484 -36.48 -11.89 30.97
N ASN A 485 -35.31 -12.25 30.44
CA ASN A 485 -34.35 -13.00 31.20
C ASN A 485 -33.76 -12.15 32.33
N GLU A 486 -32.85 -12.75 33.10
CA GLU A 486 -32.17 -12.08 34.21
C GLU A 486 -31.23 -10.93 33.77
N ASP A 487 -31.14 -10.68 32.47
CA ASP A 487 -30.30 -9.61 31.99
C ASP A 487 -30.79 -8.21 32.38
N GLY A 488 -32.10 -8.04 32.51
CA GLY A 488 -32.67 -6.75 32.89
C GLY A 488 -33.46 -6.03 31.80
N CYS A 489 -33.86 -4.80 32.08
CA CYS A 489 -34.49 -3.94 31.09
C CYS A 489 -34.15 -2.48 31.33
N TRP A 490 -34.33 -1.69 30.28
CA TRP A 490 -33.99 -0.27 30.23
C TRP A 490 -35.06 0.61 30.81
N GLY A 491 -36.20 -0.01 31.13
CA GLY A 491 -37.39 0.68 31.58
C GLY A 491 -38.56 -0.27 31.66
N ALA A 492 -39.69 0.26 32.08
CA ALA A 492 -40.83 -0.56 32.48
C ALA A 492 -41.38 -1.45 31.37
N GLY A 493 -41.33 -0.94 30.16
CA GLY A 493 -42.03 -1.50 29.01
C GLY A 493 -41.74 -2.94 28.62
N THR A 494 -42.45 -3.37 27.59
CA THR A 494 -42.38 -4.74 27.07
C THR A 494 -41.38 -4.88 25.93
N ASP A 495 -40.96 -3.75 25.36
CA ASP A 495 -39.95 -3.70 24.32
C ASP A 495 -38.56 -3.40 24.87
N GLN A 496 -38.53 -3.14 26.18
CA GLN A 496 -37.38 -2.52 26.82
C GLN A 496 -36.34 -3.50 27.37
N CYS A 497 -36.81 -4.83 26.64
CA CYS A 497 -36.00 -5.80 27.32
C CYS A 497 -34.74 -6.20 26.62
N LEU A 498 -33.63 -6.18 27.35
CA LEU A 498 -32.32 -6.54 26.79
C LEU A 498 -32.38 -7.80 25.99
N ASN A 499 -32.88 -8.86 26.62
CA ASN A 499 -33.10 -10.11 25.95
C ASN A 499 -34.36 -10.73 26.47
N CYS A 500 -35.00 -11.52 25.63
CA CYS A 500 -36.20 -12.16 26.06
C CYS A 500 -35.99 -13.60 26.32
N LYS A 501 -36.58 -14.09 27.40
CA LYS A 501 -36.90 -15.50 27.44
C LYS A 501 -38.31 -15.50 26.87
N ASN A 502 -38.75 -16.68 26.42
CA ASN A 502 -40.14 -16.91 26.01
C ASN A 502 -40.53 -16.51 24.57
N PHE A 503 -39.56 -16.08 23.77
CA PHE A 503 -39.78 -15.81 22.35
C PHE A 503 -40.01 -14.34 22.06
N ASN A 504 -39.28 -13.84 21.07
CA ASN A 504 -39.24 -12.45 20.68
C ASN A 504 -39.90 -12.28 19.33
N PHE A 505 -40.78 -11.29 19.23
CA PHE A 505 -41.49 -11.03 17.97
C PHE A 505 -41.61 -9.54 17.70
N ASN A 506 -41.03 -9.11 16.58
CA ASN A 506 -40.94 -7.69 16.22
C ASN A 506 -39.94 -7.00 17.13
N GLY A 507 -40.36 -5.96 17.85
CA GLY A 507 -39.48 -5.32 18.84
C GLY A 507 -39.76 -5.74 20.27
N THR A 508 -40.80 -6.58 20.41
CA THR A 508 -41.42 -6.92 21.68
C THR A 508 -41.31 -8.41 21.95
N CYS A 509 -41.77 -8.83 23.13
CA CYS A 509 -41.74 -10.23 23.52
C CYS A 509 -43.05 -10.71 24.08
N ILE A 510 -43.45 -11.89 23.60
CA ILE A 510 -44.73 -12.49 23.90
C ILE A 510 -44.40 -13.88 24.44
N ALA A 511 -45.36 -14.57 25.05
CA ALA A 511 -45.13 -15.95 25.42
C ALA A 511 -45.92 -16.83 24.44
N ASP A 512 -45.21 -17.52 23.54
CA ASP A 512 -45.81 -18.35 22.45
C ASP A 512 -46.38 -17.53 21.26
N CYS A 513 -46.07 -17.97 20.04
CA CYS A 513 -46.63 -17.32 18.83
C CYS A 513 -48.13 -17.66 18.65
N GLY A 514 -48.75 -18.18 19.70
CA GLY A 514 -50.20 -18.33 19.75
C GLY A 514 -50.89 -16.97 19.85
N TYR A 515 -50.33 -16.09 20.68
CA TYR A 515 -50.77 -14.69 20.77
C TYR A 515 -50.53 -13.93 19.45
N ILE A 516 -50.84 -12.63 19.44
CA ILE A 516 -50.70 -11.77 18.25
C ILE A 516 -51.30 -12.44 16.99
N SER A 517 -52.56 -12.90 17.11
CA SER A 517 -53.25 -13.65 16.05
C SER A 517 -52.32 -14.61 15.29
N ASN A 518 -51.73 -14.09 14.20
CA ASN A 518 -50.82 -14.86 13.34
C ASN A 518 -49.34 -14.63 13.65
N ALA A 519 -48.57 -15.71 13.60
CA ALA A 519 -47.11 -15.64 13.67
C ALA A 519 -46.53 -17.03 13.47
N TYR A 520 -45.65 -17.18 12.49
CA TYR A 520 -44.96 -18.45 12.30
C TYR A 520 -43.67 -18.49 13.12
N LYS A 521 -43.43 -19.61 13.80
CA LYS A 521 -42.29 -19.76 14.71
C LYS A 521 -41.04 -20.34 14.04
N PHE A 522 -40.27 -19.51 13.32
CA PHE A 522 -39.06 -20.01 12.65
C PHE A 522 -37.84 -20.01 13.59
N ASP A 523 -38.13 -20.29 14.85
CA ASP A 523 -37.18 -20.33 15.95
C ASP A 523 -38.04 -20.62 17.16
N ASN A 524 -37.43 -21.13 18.23
CA ASN A 524 -38.10 -21.22 19.54
C ASN A 524 -38.04 -19.85 20.23
N ARG A 525 -36.97 -19.10 19.91
CA ARG A 525 -36.66 -17.80 20.49
C ARG A 525 -37.22 -16.61 19.68
N THR A 526 -37.70 -16.87 18.46
CA THR A 526 -38.31 -15.82 17.61
C THR A 526 -39.61 -16.24 16.91
N CYS A 527 -40.53 -15.29 16.73
CA CYS A 527 -41.65 -15.42 15.78
C CYS A 527 -41.55 -14.35 14.67
N LYS A 528 -42.35 -14.54 13.61
CA LYS A 528 -42.47 -13.56 12.52
C LYS A 528 -43.92 -13.36 12.02
N ILE A 529 -44.17 -12.18 11.43
CA ILE A 529 -45.50 -11.78 10.99
C ILE A 529 -45.94 -12.50 9.71
N CYS A 530 -47.25 -12.52 9.48
CA CYS A 530 -47.86 -13.15 8.30
C CYS A 530 -48.50 -12.12 7.36
N HIS A 531 -48.39 -12.35 6.04
CA HIS A 531 -48.93 -11.46 4.99
C HIS A 531 -50.07 -10.54 5.44
N CYS A 537 -50.72 -19.07 9.62
CA CYS A 537 -49.31 -19.00 9.19
C CYS A 537 -48.55 -20.33 9.22
N ASN A 538 -47.21 -20.25 9.31
CA ASN A 538 -46.29 -21.41 9.47
C ASN A 538 -44.84 -21.06 9.16
N HIS B 6 20.64 8.04 -23.66
CA HIS B 6 19.96 7.06 -22.74
C HIS B 6 18.87 6.16 -23.42
N LYS B 7 19.31 5.22 -24.27
CA LYS B 7 18.45 4.24 -24.95
C LYS B 7 18.02 3.05 -24.05
N ILE B 8 16.78 2.60 -24.15
CA ILE B 8 16.36 1.32 -23.57
C ILE B 8 16.42 0.16 -24.59
N CYS B 9 16.56 -1.07 -24.10
CA CYS B 9 16.47 -2.24 -24.97
C CYS B 9 15.90 -3.38 -24.17
N ILE B 10 15.28 -4.34 -24.84
CA ILE B 10 14.58 -5.44 -24.13
C ILE B 10 15.44 -6.69 -24.07
N GLY B 11 15.58 -7.26 -22.88
CA GLY B 11 16.47 -8.39 -22.76
C GLY B 11 15.76 -9.62 -23.19
N THR B 12 16.50 -10.61 -23.67
CA THR B 12 15.95 -11.91 -24.04
C THR B 12 15.77 -12.80 -22.81
N LYS B 13 15.17 -13.97 -22.99
CA LYS B 13 15.07 -14.90 -21.88
C LYS B 13 15.03 -16.35 -22.31
N SER B 14 15.91 -16.71 -23.25
CA SER B 14 15.94 -18.05 -23.84
C SER B 14 16.97 -18.94 -23.20
N ARG B 15 17.65 -18.44 -22.17
CA ARG B 15 18.71 -19.21 -21.45
C ARG B 15 19.82 -19.78 -22.35
N LEU B 16 20.11 -21.06 -22.25
CA LEU B 16 21.21 -21.56 -23.04
C LEU B 16 20.85 -21.90 -24.49
N SER B 17 19.59 -21.65 -24.87
CA SER B 17 19.11 -21.96 -26.22
C SER B 17 19.64 -20.98 -27.24
N VAL B 18 19.84 -21.46 -28.47
CA VAL B 18 20.37 -20.63 -29.57
C VAL B 18 19.82 -20.93 -30.94
N PRO B 19 19.88 -19.92 -31.84
CA PRO B 19 19.64 -20.17 -33.24
C PRO B 19 20.65 -21.18 -33.79
N SER B 20 20.20 -21.95 -34.77
CA SER B 20 21.10 -22.88 -35.41
C SER B 20 22.27 -22.10 -35.97
N ASN B 21 21.97 -21.02 -36.73
CA ASN B 21 23.00 -20.19 -37.33
C ASN B 21 23.66 -19.19 -36.38
N LYS B 22 24.88 -19.52 -35.92
CA LYS B 22 25.54 -18.64 -34.96
C LYS B 22 25.99 -17.27 -35.49
N GLU B 23 26.21 -17.15 -36.78
CA GLU B 23 26.54 -15.84 -37.31
C GLU B 23 25.30 -14.98 -37.16
N HIS B 24 24.16 -15.58 -37.47
CA HIS B 24 22.89 -14.90 -37.33
C HIS B 24 22.68 -14.46 -35.90
N HIS B 25 22.96 -15.38 -34.98
CA HIS B 25 22.89 -15.12 -33.54
C HIS B 25 23.72 -13.91 -33.16
N TYR B 26 24.97 -13.84 -33.64
CA TYR B 26 25.83 -12.71 -33.30
C TYR B 26 25.18 -11.42 -33.78
N ARG B 27 24.70 -11.45 -35.00
CA ARG B 27 24.11 -10.26 -35.58
C ARG B 27 22.81 -9.92 -34.84
N ASN B 28 22.15 -10.93 -34.30
CA ASN B 28 20.97 -10.69 -33.49
C ASN B 28 21.26 -9.90 -32.21
N LEU B 29 22.34 -10.27 -31.53
CA LEU B 29 22.76 -9.57 -30.31
C LEU B 29 23.20 -8.14 -30.61
N ARG B 30 23.94 -7.96 -31.70
CA ARG B 30 24.47 -6.65 -32.05
C ARG B 30 23.33 -5.66 -32.28
N ASP B 31 22.29 -6.14 -32.96
CA ASP B 31 21.09 -5.35 -33.24
C ASP B 31 20.42 -4.93 -31.95
N ARG B 32 20.20 -5.90 -31.08
CA ARG B 32 19.47 -5.67 -29.85
C ARG B 32 20.17 -4.66 -28.93
N TYR B 33 21.48 -4.82 -28.75
CA TYR B 33 22.18 -4.08 -27.68
C TYR B 33 22.99 -2.83 -28.05
N THR B 34 23.37 -2.60 -29.32
CA THR B 34 24.26 -1.45 -29.63
C THR B 34 23.56 -0.15 -29.27
N ASN B 35 24.36 0.79 -28.75
CA ASN B 35 23.84 2.05 -28.22
C ASN B 35 22.85 1.89 -27.06
N CYS B 36 22.80 0.71 -26.46
CA CYS B 36 21.90 0.54 -25.33
C CYS B 36 22.54 0.98 -24.03
N THR B 37 21.76 1.73 -23.26
CA THR B 37 22.17 2.32 -22.01
C THR B 37 21.71 1.42 -20.90
N TYR B 38 20.46 0.98 -21.04
CA TYR B 38 19.75 0.38 -19.94
C TYR B 38 18.94 -0.77 -20.51
N VAL B 39 19.25 -1.98 -20.06
CA VAL B 39 18.57 -3.13 -20.61
C VAL B 39 17.54 -3.55 -19.62
N ASP B 40 16.30 -3.49 -20.07
CA ASP B 40 15.17 -4.02 -19.34
C ASP B 40 15.00 -5.51 -19.63
N GLY B 41 15.32 -6.31 -18.62
CA GLY B 41 15.18 -7.76 -18.71
C GLY B 41 16.53 -8.38 -18.55
N ASN B 42 16.62 -9.66 -18.91
CA ASN B 42 17.85 -10.40 -18.81
C ASN B 42 18.70 -10.17 -20.01
N LEU B 43 19.99 -9.93 -19.83
CA LEU B 43 20.90 -9.91 -20.97
C LEU B 43 21.65 -11.21 -21.00
N GLU B 44 21.45 -11.94 -22.08
CA GLU B 44 22.06 -13.25 -22.22
C GLU B 44 23.07 -13.20 -23.35
N LEU B 45 24.34 -13.30 -23.01
CA LEU B 45 25.38 -13.23 -23.98
C LEU B 45 25.91 -14.65 -24.17
N THR B 46 25.33 -15.37 -25.12
CA THR B 46 25.71 -16.78 -25.34
C THR B 46 26.11 -17.15 -26.78
N TRP B 47 27.00 -18.13 -26.88
CA TRP B 47 27.38 -18.72 -28.16
C TRP B 47 28.02 -17.71 -29.11
N LEU B 48 29.02 -16.99 -28.60
CA LEU B 48 29.95 -16.32 -29.47
C LEU B 48 31.14 -17.29 -29.50
N PRO B 49 31.14 -18.22 -30.49
CA PRO B 49 32.13 -19.28 -30.41
C PRO B 49 33.46 -18.87 -31.07
N ASN B 50 33.45 -17.75 -31.78
CA ASN B 50 34.59 -17.25 -32.55
C ASN B 50 35.21 -15.99 -31.90
N GLU B 51 36.52 -16.02 -31.55
CA GLU B 51 37.18 -14.80 -31.02
C GLU B 51 37.10 -13.74 -32.11
N ASN B 52 37.34 -12.48 -31.78
CA ASN B 52 37.32 -11.42 -32.82
C ASN B 52 35.92 -10.95 -33.23
N LEU B 53 34.86 -11.47 -32.61
CA LEU B 53 33.58 -10.79 -32.73
C LEU B 53 33.75 -9.46 -31.99
N ASP B 54 33.12 -8.41 -32.51
CA ASP B 54 33.37 -7.05 -32.01
C ASP B 54 32.98 -6.81 -30.55
N LEU B 55 31.73 -7.13 -30.18
CA LEU B 55 31.28 -7.00 -28.79
C LEU B 55 31.12 -5.56 -28.31
N SER B 56 31.11 -4.62 -29.25
CA SER B 56 30.95 -3.20 -28.92
C SER B 56 29.62 -2.86 -28.29
N PHE B 57 28.56 -3.60 -28.59
CA PHE B 57 27.23 -3.30 -28.04
C PHE B 57 27.23 -3.25 -26.54
N LEU B 58 28.13 -4.01 -25.93
CA LEU B 58 28.33 -3.99 -24.49
C LEU B 58 28.80 -2.62 -23.99
N ASP B 59 29.45 -1.85 -24.86
CA ASP B 59 30.13 -0.62 -24.46
C ASP B 59 29.30 0.41 -23.70
N ASN B 60 28.01 0.46 -23.98
CA ASN B 60 27.17 1.51 -23.44
C ASN B 60 26.27 1.10 -22.33
N ILE B 61 26.20 -0.21 -22.05
CA ILE B 61 25.27 -0.71 -21.03
C ILE B 61 25.68 -0.22 -19.67
N ARG B 62 24.74 0.38 -18.97
CA ARG B 62 24.99 0.94 -17.66
C ARG B 62 24.22 0.17 -16.57
N GLU B 63 22.98 -0.27 -16.87
CA GLU B 63 22.16 -1.03 -15.93
C GLU B 63 21.44 -2.25 -16.56
N VAL B 64 21.29 -3.34 -15.81
CA VAL B 64 20.56 -4.51 -16.32
C VAL B 64 19.60 -4.90 -15.23
N THR B 65 18.30 -4.88 -15.51
CA THR B 65 17.31 -5.13 -14.47
C THR B 65 17.22 -6.60 -14.11
N GLY B 66 17.31 -7.48 -15.10
CA GLY B 66 17.26 -8.93 -14.83
C GLY B 66 18.65 -9.49 -14.52
N TYR B 67 18.85 -10.78 -14.68
CA TYR B 67 20.20 -11.35 -14.54
C TYR B 67 21.04 -11.16 -15.79
N ILE B 68 22.36 -11.22 -15.67
CA ILE B 68 23.25 -11.30 -16.82
C ILE B 68 23.76 -12.72 -16.87
N LEU B 69 23.64 -13.35 -18.03
CA LEU B 69 24.14 -14.72 -18.23
C LEU B 69 25.11 -14.71 -19.38
N ILE B 70 26.29 -15.27 -19.15
CA ILE B 70 27.34 -15.31 -20.16
C ILE B 70 27.68 -16.77 -20.30
N SER B 71 27.43 -17.35 -21.46
CA SER B 71 27.74 -18.76 -21.65
C SER B 71 28.20 -19.08 -23.06
N HIS B 72 29.21 -19.93 -23.15
CA HIS B 72 29.72 -20.40 -24.43
C HIS B 72 30.25 -19.26 -25.28
N VAL B 73 30.79 -18.23 -24.62
CA VAL B 73 31.47 -17.13 -25.31
C VAL B 73 33.00 -17.29 -25.23
N ASP B 74 33.64 -17.23 -26.41
CA ASP B 74 35.04 -17.56 -26.56
C ASP B 74 35.89 -16.40 -27.03
N VAL B 75 35.27 -15.25 -27.30
CA VAL B 75 35.98 -14.00 -27.41
C VAL B 75 37.00 -13.89 -26.27
N LYS B 76 38.20 -13.40 -26.57
CA LYS B 76 39.29 -13.43 -25.61
C LYS B 76 39.01 -12.56 -24.38
N LYS B 77 38.54 -11.36 -24.64
CA LYS B 77 38.36 -10.36 -23.61
C LYS B 77 36.95 -9.72 -23.66
N VAL B 78 36.12 -10.04 -22.67
CA VAL B 78 34.78 -9.49 -22.61
C VAL B 78 34.78 -8.27 -21.68
N VAL B 79 34.41 -7.11 -22.21
CA VAL B 79 34.39 -5.88 -21.43
C VAL B 79 33.00 -5.28 -21.41
N PHE B 80 32.55 -4.89 -20.21
CA PHE B 80 31.36 -4.05 -20.00
C PHE B 80 31.87 -2.71 -19.50
N PRO B 81 32.22 -1.81 -20.42
CA PRO B 81 32.97 -0.61 -20.08
C PRO B 81 32.26 0.29 -19.08
N LYS B 82 30.93 0.26 -19.07
CA LYS B 82 30.16 1.22 -18.29
C LYS B 82 29.11 0.61 -17.34
N LEU B 83 28.91 -0.71 -17.43
CA LEU B 83 27.99 -1.39 -16.53
C LEU B 83 28.31 -1.10 -15.07
N GLN B 84 27.36 -0.47 -14.37
CA GLN B 84 27.52 -0.29 -12.95
C GLN B 84 26.54 -0.99 -12.02
N ILE B 85 25.33 -1.29 -12.46
CA ILE B 85 24.48 -2.10 -11.58
C ILE B 85 23.61 -3.19 -12.24
N ILE B 86 23.42 -4.30 -11.52
CA ILE B 86 22.59 -5.39 -11.96
C ILE B 86 21.56 -5.58 -10.89
N ARG B 87 20.29 -5.36 -11.23
CA ARG B 87 19.21 -5.39 -10.25
C ARG B 87 18.79 -6.82 -9.94
N GLY B 88 19.00 -7.72 -10.90
CA GLY B 88 18.60 -9.11 -10.75
C GLY B 88 17.17 -9.32 -10.29
N ARG B 89 16.23 -8.60 -10.92
CA ARG B 89 14.79 -8.71 -10.62
C ARG B 89 14.22 -9.93 -11.28
N THR B 90 14.97 -10.50 -12.22
CA THR B 90 14.71 -11.82 -12.76
C THR B 90 16.02 -12.57 -12.56
N LEU B 91 15.97 -13.80 -12.05
CA LEU B 91 17.20 -14.49 -11.77
C LEU B 91 17.33 -15.78 -12.53
N PHE B 92 18.55 -16.26 -12.71
CA PHE B 92 18.79 -17.44 -13.54
C PHE B 92 19.04 -18.64 -12.66
N SER B 93 18.40 -19.76 -12.99
CA SER B 93 18.52 -20.97 -12.17
C SER B 93 18.81 -22.19 -13.01
N LEU B 94 19.36 -23.24 -12.38
CA LEU B 94 19.69 -24.50 -13.07
C LEU B 94 18.67 -25.61 -12.81
N SER B 95 18.15 -25.64 -11.58
CA SER B 95 16.94 -26.38 -11.23
C SER B 95 16.08 -25.51 -10.32
N VAL B 96 14.79 -25.84 -10.17
CA VAL B 96 13.88 -25.04 -9.34
C VAL B 96 14.40 -24.84 -7.89
N GLU B 97 14.82 -25.94 -7.25
CA GLU B 97 15.69 -25.83 -6.08
C GLU B 97 17.09 -25.33 -6.55
N GLU B 98 17.88 -24.77 -5.63
CA GLU B 98 19.26 -24.26 -5.88
C GLU B 98 19.29 -22.73 -6.01
N GLU B 99 20.51 -22.18 -6.03
CA GLU B 99 20.75 -20.72 -6.06
C GLU B 99 20.17 -20.10 -7.31
N LYS B 100 19.76 -18.84 -7.19
CA LYS B 100 19.32 -18.08 -8.33
C LYS B 100 20.34 -16.97 -8.56
N TYR B 101 20.75 -16.81 -9.81
CA TYR B 101 21.87 -15.95 -10.12
C TYR B 101 21.49 -14.66 -10.81
N ALA B 102 22.05 -13.56 -10.34
CA ALA B 102 21.98 -12.30 -11.06
C ALA B 102 23.10 -12.24 -12.11
N LEU B 103 24.17 -13.00 -11.90
CA LEU B 103 25.28 -13.06 -12.85
C LEU B 103 25.79 -14.47 -12.82
N PHE B 104 25.89 -15.07 -13.98
CA PHE B 104 26.42 -16.41 -14.10
C PHE B 104 27.22 -16.54 -15.38
N VAL B 105 28.49 -16.87 -15.28
CA VAL B 105 29.25 -17.15 -16.47
C VAL B 105 29.73 -18.58 -16.42
N THR B 106 29.59 -19.28 -17.54
CA THR B 106 29.82 -20.70 -17.59
C THR B 106 30.24 -21.16 -18.97
N TYR B 107 30.98 -22.27 -18.99
CA TYR B 107 31.44 -22.93 -20.22
C TYR B 107 31.93 -21.92 -21.24
N SER B 108 32.88 -21.09 -20.82
CA SER B 108 33.26 -19.93 -21.62
C SER B 108 34.76 -19.76 -21.70
N LYS B 109 35.25 -19.27 -22.83
CA LYS B 109 36.70 -19.31 -23.08
C LYS B 109 37.44 -17.98 -22.97
N MET B 110 36.80 -16.95 -22.42
CA MET B 110 37.47 -15.66 -22.33
C MET B 110 38.62 -15.73 -21.36
N TYR B 111 39.67 -14.97 -21.69
CA TYR B 111 40.83 -14.84 -20.86
C TYR B 111 40.52 -13.96 -19.66
N THR B 112 39.79 -12.86 -19.89
CA THR B 112 39.36 -11.97 -18.80
C THR B 112 37.93 -11.44 -19.04
N LEU B 113 37.20 -11.27 -17.94
CA LEU B 113 35.87 -10.65 -17.92
C LEU B 113 36.07 -9.37 -17.17
N GLU B 114 36.09 -8.23 -17.84
CA GLU B 114 36.34 -6.99 -17.14
C GLU B 114 35.07 -6.21 -16.99
N ILE B 115 34.56 -6.16 -15.76
CA ILE B 115 33.39 -5.33 -15.46
C ILE B 115 33.80 -4.25 -14.46
N PRO B 116 34.84 -3.45 -14.79
CA PRO B 116 35.28 -2.44 -13.79
C PRO B 116 34.12 -1.50 -13.62
N ASP B 117 34.15 -0.59 -12.67
CA ASP B 117 33.01 0.33 -12.58
C ASP B 117 31.66 -0.34 -12.17
N LEU B 118 31.60 -1.67 -12.07
CA LEU B 118 30.43 -2.36 -11.52
C LEU B 118 30.39 -2.18 -10.05
N ARG B 119 29.30 -1.60 -9.57
CA ARG B 119 29.15 -1.21 -8.19
C ARG B 119 28.24 -2.12 -7.39
N ASP B 120 27.13 -2.55 -7.96
CA ASP B 120 26.06 -3.18 -7.15
C ASP B 120 25.31 -4.31 -7.86
N VAL B 121 25.14 -5.44 -7.20
CA VAL B 121 24.24 -6.50 -7.66
C VAL B 121 23.15 -6.56 -6.58
N LEU B 122 21.95 -6.02 -6.86
CA LEU B 122 20.97 -5.72 -5.80
C LEU B 122 20.28 -6.95 -5.27
N ASN B 123 20.12 -7.95 -6.13
CA ASN B 123 19.48 -9.17 -5.71
C ASN B 123 20.00 -10.35 -6.50
N GLY B 124 20.21 -11.47 -5.83
CA GLY B 124 20.70 -12.68 -6.51
C GLY B 124 22.18 -12.89 -6.33
N GLN B 125 22.66 -14.07 -6.68
CA GLN B 125 24.04 -14.48 -6.45
C GLN B 125 24.89 -14.49 -7.71
N VAL B 126 26.20 -14.67 -7.54
CA VAL B 126 27.17 -14.65 -8.65
C VAL B 126 27.72 -16.05 -8.82
N GLY B 127 27.84 -16.53 -10.05
CA GLY B 127 28.36 -17.86 -10.26
C GLY B 127 29.29 -18.01 -11.45
N PHE B 128 30.38 -18.77 -11.27
CA PHE B 128 31.26 -19.09 -12.38
C PHE B 128 31.48 -20.59 -12.40
N HIS B 129 31.23 -21.24 -13.55
CA HIS B 129 31.34 -22.71 -13.61
C HIS B 129 32.02 -23.17 -14.88
N ASN B 130 33.10 -23.94 -14.70
CA ASN B 130 33.77 -24.69 -15.76
C ASN B 130 34.20 -23.87 -16.97
N ASN B 131 34.79 -22.71 -16.71
CA ASN B 131 35.32 -21.88 -17.78
C ASN B 131 36.78 -21.57 -17.55
N TYR B 132 37.62 -22.15 -18.39
CA TYR B 132 39.08 -22.05 -18.26
C TYR B 132 39.53 -20.67 -18.72
N ASN B 133 40.84 -20.44 -18.62
CA ASN B 133 41.46 -19.15 -18.98
C ASN B 133 40.91 -17.91 -18.27
N LEU B 134 39.80 -18.03 -17.54
CA LEU B 134 39.25 -16.85 -16.89
C LEU B 134 40.04 -16.58 -15.65
N CYS B 135 40.29 -15.29 -15.43
CA CYS B 135 41.16 -14.85 -14.35
C CYS B 135 40.72 -13.62 -13.58
N HIS B 136 41.24 -13.54 -12.36
CA HIS B 136 41.09 -12.41 -11.46
C HIS B 136 39.75 -12.40 -10.75
N MET B 137 38.95 -13.46 -10.93
CA MET B 137 37.60 -13.50 -10.37
C MET B 137 37.71 -13.98 -8.96
N ARG B 138 38.71 -14.81 -8.71
CA ARG B 138 38.93 -15.30 -7.38
C ARG B 138 39.48 -14.15 -6.56
N THR B 139 40.12 -13.16 -7.21
CA THR B 139 40.73 -12.05 -6.48
C THR B 139 39.69 -11.01 -6.12
N ILE B 140 38.53 -11.09 -6.76
CA ILE B 140 37.50 -10.10 -6.53
C ILE B 140 36.72 -10.44 -5.29
N GLN B 141 36.43 -9.43 -4.47
CA GLN B 141 35.55 -9.59 -3.33
C GLN B 141 34.10 -9.42 -3.72
N TRP B 142 33.36 -10.50 -3.92
CA TRP B 142 31.98 -10.33 -4.36
C TRP B 142 31.05 -9.94 -3.22
N SER B 143 31.49 -10.14 -1.98
CA SER B 143 30.80 -9.66 -0.79
C SER B 143 30.57 -8.16 -0.86
N GLU B 144 31.40 -7.46 -1.63
CA GLU B 144 31.32 -6.02 -1.76
C GLU B 144 30.28 -5.64 -2.77
N ILE B 145 30.06 -6.49 -3.76
CA ILE B 145 29.18 -6.19 -4.88
C ILE B 145 27.77 -6.76 -4.71
N VAL B 146 27.65 -7.87 -4.00
CA VAL B 146 26.39 -8.54 -3.81
C VAL B 146 25.90 -8.14 -2.45
N SER B 147 24.64 -7.72 -2.33
CA SER B 147 24.02 -7.44 -1.00
C SER B 147 24.01 -8.65 -0.02
N ASN B 148 23.34 -9.75 -0.38
CA ASN B 148 23.49 -11.03 0.33
C ASN B 148 23.37 -12.29 -0.58
N GLY B 149 23.98 -13.39 -0.13
CA GLY B 149 24.07 -14.65 -0.91
C GLY B 149 25.49 -15.21 -0.96
N THR B 159 37.77 -21.67 -9.03
CA THR B 159 39.10 -21.31 -9.50
C THR B 159 39.64 -22.35 -10.52
N ALA B 160 40.78 -22.98 -10.18
CA ALA B 160 41.61 -23.83 -11.10
C ALA B 160 41.50 -23.46 -12.61
N PRO B 161 41.92 -22.22 -12.97
CA PRO B 161 41.79 -21.73 -14.34
C PRO B 161 42.81 -22.36 -15.31
N GLU B 162 43.84 -23.03 -14.76
CA GLU B 162 44.80 -23.83 -15.52
C GLU B 162 45.80 -23.03 -16.34
N ARG B 163 45.51 -21.76 -16.58
CA ARG B 163 46.41 -20.94 -17.37
C ARG B 163 47.00 -19.93 -16.43
N GLU B 164 48.32 -19.79 -16.45
CA GLU B 164 49.05 -18.78 -15.68
C GLU B 164 48.28 -18.23 -14.47
N CYS B 165 48.59 -16.98 -14.14
CA CYS B 165 47.59 -15.93 -13.97
C CYS B 165 48.14 -14.64 -13.43
N PRO B 166 48.34 -13.66 -14.33
CA PRO B 166 49.00 -12.40 -14.05
C PRO B 166 48.54 -11.80 -12.73
N LYS B 167 49.49 -11.36 -11.91
CA LYS B 167 49.20 -10.61 -10.70
C LYS B 167 48.39 -9.38 -11.08
N CYS B 168 47.60 -8.88 -10.12
CA CYS B 168 46.96 -7.60 -10.31
C CYS B 168 48.05 -6.56 -10.38
N HIS B 169 47.75 -5.42 -10.98
CA HIS B 169 48.70 -4.34 -10.99
C HIS B 169 49.23 -4.07 -9.57
N GLU B 170 50.45 -3.58 -9.46
CA GLU B 170 50.97 -3.17 -8.16
C GLU B 170 50.05 -2.14 -7.56
N SER B 171 49.49 -1.31 -8.44
CA SER B 171 48.74 -0.12 -8.08
C SER B 171 47.69 -0.39 -7.06
N CYS B 172 46.96 -1.47 -7.16
CA CYS B 172 45.81 -1.42 -6.32
C CYS B 172 45.70 -2.45 -5.24
N THR B 173 45.14 -2.02 -4.12
CA THR B 173 45.36 -2.64 -2.84
C THR B 173 44.71 -4.00 -2.67
N HIS B 174 43.51 -4.21 -3.21
CA HIS B 174 42.87 -5.53 -3.14
C HIS B 174 43.02 -6.28 -4.44
N GLY B 175 41.94 -6.58 -5.14
CA GLY B 175 42.02 -7.41 -6.33
C GLY B 175 41.65 -6.60 -7.54
N CYS B 176 41.61 -7.25 -8.70
CA CYS B 176 41.31 -6.58 -9.96
C CYS B 176 40.42 -7.40 -10.87
N TRP B 177 39.83 -6.69 -11.83
CA TRP B 177 39.06 -7.30 -12.91
C TRP B 177 39.94 -7.83 -14.07
N GLY B 178 41.18 -7.34 -14.17
CA GLY B 178 42.06 -7.59 -15.33
C GLY B 178 43.35 -6.80 -15.13
N GLU B 179 44.17 -6.61 -16.16
CA GLU B 179 45.55 -6.15 -15.94
C GLU B 179 45.77 -4.67 -15.58
N GLY B 180 44.94 -3.77 -16.10
CA GLY B 180 45.16 -2.32 -15.89
C GLY B 180 45.21 -1.88 -14.43
N PRO B 181 45.77 -0.67 -14.15
CA PRO B 181 45.40 0.05 -12.93
C PRO B 181 43.95 0.56 -12.99
N LYS B 182 43.39 0.61 -14.19
CA LYS B 182 41.98 0.93 -14.37
C LYS B 182 41.14 -0.21 -13.79
N ASN B 183 41.72 -1.41 -13.84
CA ASN B 183 41.03 -2.66 -13.51
C ASN B 183 40.93 -3.10 -12.07
N CYS B 184 41.57 -2.41 -11.13
CA CYS B 184 41.36 -2.86 -9.78
C CYS B 184 40.00 -2.52 -9.23
N GLN B 185 39.51 -3.41 -8.36
CA GLN B 185 38.22 -3.29 -7.76
C GLN B 185 38.21 -2.16 -6.74
N LYS B 186 37.24 -1.26 -6.87
CA LYS B 186 37.08 -0.14 -5.94
C LYS B 186 35.97 -0.48 -4.98
N PHE B 187 35.96 0.18 -3.83
CA PHE B 187 34.92 -0.08 -2.85
C PHE B 187 34.14 1.14 -2.43
N SER B 188 32.82 1.03 -2.47
CA SER B 188 31.95 2.12 -2.04
C SER B 188 31.13 1.66 -0.87
N LYS B 189 31.16 0.37 -0.65
CA LYS B 189 30.29 -0.20 0.35
C LYS B 189 31.06 -0.62 1.57
N LEU B 190 31.68 -1.79 1.48
CA LEU B 190 32.48 -2.34 2.59
C LEU B 190 33.46 -1.32 3.18
N THR B 191 33.77 -0.30 2.38
CA THR B 191 34.79 0.67 2.65
C THR B 191 34.47 1.70 3.70
N CYS B 192 33.19 1.98 3.95
CA CYS B 192 32.87 3.12 4.85
C CYS B 192 32.22 2.76 6.18
N SER B 193 32.03 3.78 7.02
CA SER B 193 31.80 3.61 8.46
C SER B 193 30.56 2.82 8.82
N PRO B 194 30.58 2.16 9.97
CA PRO B 194 29.53 1.16 10.27
C PRO B 194 28.15 1.80 10.41
N GLN B 195 28.13 3.14 10.56
CA GLN B 195 26.90 3.94 10.68
C GLN B 195 26.11 3.92 9.41
N CYS B 196 26.61 3.20 8.42
CA CYS B 196 25.97 3.26 7.14
C CYS B 196 25.39 1.96 6.74
N ALA B 197 25.16 1.09 7.72
CA ALA B 197 24.59 -0.20 7.42
C ALA B 197 23.41 0.08 6.50
N GLY B 198 23.29 -0.73 5.44
CA GLY B 198 22.13 -0.64 4.55
C GLY B 198 22.43 0.19 3.30
N GLY B 199 23.55 0.88 3.32
CA GLY B 199 23.87 1.81 2.23
C GLY B 199 25.31 1.80 1.80
N ARG B 200 25.55 2.43 0.67
CA ARG B 200 26.87 2.76 0.25
C ARG B 200 27.11 4.18 0.71
N CYS B 201 28.32 4.65 0.50
CA CYS B 201 28.85 5.68 1.33
C CYS B 201 29.93 6.38 0.52
N TYR B 202 30.03 7.69 0.63
CA TYR B 202 30.78 8.47 -0.38
C TYR B 202 32.12 9.03 0.10
N GLY B 203 32.48 8.71 1.34
CA GLY B 203 33.77 9.01 1.94
C GLY B 203 33.83 7.98 3.06
N PRO B 204 34.96 7.87 3.78
CA PRO B 204 34.96 6.79 4.78
C PRO B 204 34.58 7.25 6.19
N LYS B 205 34.39 8.57 6.37
CA LYS B 205 33.96 9.15 7.65
C LYS B 205 32.53 8.74 7.94
N PRO B 206 32.20 8.57 9.24
CA PRO B 206 30.80 8.38 9.60
C PRO B 206 30.13 9.73 9.42
N ARG B 207 29.01 9.74 8.72
CA ARG B 207 28.29 10.98 8.39
C ARG B 207 28.66 11.42 6.98
N GLU B 208 29.34 10.55 6.27
CA GLU B 208 29.63 10.76 4.86
C GLU B 208 28.95 9.65 4.07
N CYS B 209 27.71 9.33 4.44
CA CYS B 209 26.94 8.30 3.74
C CYS B 209 25.82 8.81 2.90
N CYS B 210 25.46 8.00 1.92
CA CYS B 210 24.43 8.42 1.05
C CYS B 210 23.11 7.90 1.43
N HIS B 211 22.12 8.72 1.08
CA HIS B 211 20.75 8.50 1.37
C HIS B 211 20.39 7.08 0.98
N LEU B 212 19.66 6.39 1.85
CA LEU B 212 19.29 5.02 1.60
C LEU B 212 18.40 4.86 0.39
N PHE B 213 17.97 5.97 -0.21
CA PHE B 213 17.09 5.88 -1.35
C PHE B 213 17.76 5.53 -2.67
N CYS B 214 19.06 5.76 -2.83
CA CYS B 214 19.58 5.43 -4.14
C CYS B 214 20.39 4.17 -4.23
N ALA B 215 20.84 3.92 -5.46
CA ALA B 215 21.41 2.65 -5.85
C ALA B 215 22.75 2.84 -6.55
N GLY B 216 23.68 1.95 -6.26
CA GLY B 216 25.03 1.99 -6.82
C GLY B 216 25.78 3.28 -6.54
N GLY B 217 25.96 3.62 -5.26
CA GLY B 217 26.76 4.78 -4.88
C GLY B 217 26.07 6.10 -5.16
N CYS B 218 26.86 7.17 -5.08
CA CYS B 218 26.40 8.55 -4.84
C CYS B 218 27.56 9.47 -4.63
N THR B 219 27.33 10.75 -4.90
CA THR B 219 28.39 11.76 -4.93
C THR B 219 28.32 12.71 -3.71
N GLY B 220 27.39 12.45 -2.80
CA GLY B 220 27.15 13.27 -1.62
C GLY B 220 25.93 12.76 -0.89
N PRO B 221 25.58 13.39 0.24
CA PRO B 221 24.62 12.85 1.23
C PRO B 221 23.14 12.92 0.85
N THR B 222 22.73 13.97 0.14
CA THR B 222 21.34 14.22 -0.26
C THR B 222 20.80 13.31 -1.38
N GLN B 223 19.47 13.21 -1.45
CA GLN B 223 18.77 12.35 -2.41
C GLN B 223 18.91 12.77 -3.87
N LYS B 224 19.44 13.98 -4.09
CA LYS B 224 19.66 14.46 -5.44
C LYS B 224 20.97 13.87 -5.90
N ASP B 225 21.74 13.39 -4.91
CA ASP B 225 23.12 12.98 -5.13
C ASP B 225 23.44 11.56 -5.51
N CYS B 226 22.51 10.60 -5.56
CA CYS B 226 23.05 9.31 -5.96
C CYS B 226 23.02 9.07 -7.44
N ILE B 227 23.69 7.99 -7.80
CA ILE B 227 23.99 7.63 -9.17
C ILE B 227 22.78 7.10 -9.91
N ALA B 228 22.08 6.14 -9.29
CA ALA B 228 20.77 5.63 -9.74
C ALA B 228 19.76 5.68 -8.60
N CYS B 229 18.49 5.80 -8.95
CA CYS B 229 17.40 5.72 -7.98
C CYS B 229 17.07 4.27 -7.69
N LYS B 230 17.02 3.91 -6.41
CA LYS B 230 16.68 2.55 -6.04
C LYS B 230 15.26 2.21 -6.45
N ASN B 231 14.31 3.09 -6.06
CA ASN B 231 12.88 2.93 -6.41
C ASN B 231 12.33 3.96 -7.40
N PHE B 232 12.12 5.19 -6.95
CA PHE B 232 11.48 6.20 -7.79
C PHE B 232 12.36 7.39 -8.01
N PHE B 233 12.35 7.88 -9.24
CA PHE B 233 13.05 9.10 -9.57
C PHE B 233 11.99 10.14 -9.87
N ASP B 234 12.05 11.26 -9.17
CA ASP B 234 11.03 12.28 -9.31
C ASP B 234 11.65 13.64 -9.04
N GLU B 235 11.67 14.50 -10.05
CA GLU B 235 12.22 15.86 -9.92
C GLU B 235 13.74 15.83 -9.86
N GLY B 236 14.35 14.78 -10.41
CA GLY B 236 15.78 14.54 -10.22
C GLY B 236 16.19 14.26 -8.77
N VAL B 237 15.32 13.62 -8.01
CA VAL B 237 15.56 13.29 -6.60
C VAL B 237 14.99 11.88 -6.36
N CYS B 238 15.77 11.02 -5.71
CA CYS B 238 15.28 9.69 -5.43
C CYS B 238 14.32 9.67 -4.27
N LYS B 239 13.21 8.98 -4.46
CA LYS B 239 12.21 8.82 -3.42
C LYS B 239 11.95 7.35 -3.27
N GLU B 240 11.57 6.91 -2.08
CA GLU B 240 11.22 5.51 -1.90
C GLU B 240 9.77 5.27 -2.26
N GLU B 241 8.97 6.34 -2.17
CA GLU B 241 7.57 6.26 -2.39
C GLU B 241 7.19 7.57 -3.04
N CYS B 242 6.30 7.56 -4.04
CA CYS B 242 5.89 8.84 -4.66
C CYS B 242 5.11 9.66 -3.65
N PRO B 243 5.12 11.00 -3.80
CA PRO B 243 4.33 11.88 -2.92
C PRO B 243 2.90 11.40 -2.87
N PRO B 244 2.40 11.03 -1.69
CA PRO B 244 1.10 10.38 -1.54
C PRO B 244 -0.10 11.27 -1.87
N MET B 245 -1.17 10.68 -2.40
CA MET B 245 -2.39 11.42 -2.65
C MET B 245 -3.00 11.86 -1.35
N ARG B 246 -2.93 10.99 -0.35
CA ARG B 246 -3.33 11.33 0.99
C ARG B 246 -2.13 11.19 1.91
N LYS B 247 -1.77 12.29 2.54
CA LYS B 247 -0.61 12.31 3.38
C LYS B 247 -1.01 12.24 4.86
N TYR B 248 -0.42 11.29 5.56
CA TYR B 248 -0.70 11.04 6.97
C TYR B 248 -0.08 12.10 7.87
N ASN B 249 -0.79 12.48 8.92
CA ASN B 249 -0.26 13.40 9.89
C ASN B 249 -0.14 12.64 11.22
N PRO B 250 1.08 12.51 11.76
CA PRO B 250 1.30 11.76 13.00
C PRO B 250 0.83 12.47 14.24
N THR B 251 0.71 13.80 14.19
CA THR B 251 0.36 14.54 15.40
C THR B 251 -1.12 14.41 15.70
N THR B 252 -1.96 14.68 14.70
CA THR B 252 -3.39 14.44 14.79
C THR B 252 -3.56 13.23 13.92
N TYR B 253 -4.22 12.20 14.38
CA TYR B 253 -4.13 10.95 13.63
C TYR B 253 -5.06 10.95 12.41
N VAL B 254 -4.64 11.66 11.35
CA VAL B 254 -5.46 11.76 10.14
C VAL B 254 -4.70 11.81 8.80
N LEU B 255 -5.23 11.11 7.81
CA LEU B 255 -4.81 11.28 6.44
C LEU B 255 -5.40 12.59 5.92
N GLU B 256 -4.53 13.51 5.51
CA GLU B 256 -4.96 14.71 4.76
C GLU B 256 -4.95 14.42 3.24
N THR B 257 -5.55 15.34 2.48
CA THR B 257 -5.46 15.26 1.02
C THR B 257 -4.17 16.00 0.63
N ASN B 258 -3.41 15.42 -0.28
CA ASN B 258 -2.17 16.05 -0.66
C ASN B 258 -2.22 16.75 -2.01
N PRO B 259 -2.18 18.09 -1.99
CA PRO B 259 -2.17 18.82 -3.24
C PRO B 259 -0.91 18.51 -4.07
N GLU B 260 0.18 18.12 -3.40
CA GLU B 260 1.44 17.76 -4.08
C GLU B 260 1.53 16.31 -4.54
N GLY B 261 0.48 15.54 -4.30
CA GLY B 261 0.50 14.10 -4.57
C GLY B 261 0.70 13.77 -6.02
N LYS B 262 1.42 12.69 -6.29
CA LYS B 262 1.69 12.20 -7.65
C LYS B 262 1.51 10.68 -7.76
N TYR B 263 1.15 10.22 -8.95
CA TYR B 263 0.94 8.80 -9.22
C TYR B 263 2.25 8.07 -9.49
N ALA B 264 2.37 6.86 -8.96
CA ALA B 264 3.55 6.07 -9.22
C ALA B 264 3.42 5.47 -10.60
N TYR B 265 4.37 5.77 -11.48
CA TYR B 265 4.36 5.21 -12.83
C TYR B 265 5.72 4.60 -13.15
N GLY B 266 5.88 3.32 -12.81
CA GLY B 266 7.12 2.55 -12.95
C GLY B 266 8.42 3.32 -12.79
N ALA B 267 8.82 3.58 -11.55
CA ALA B 267 10.13 4.22 -11.33
C ALA B 267 10.15 5.73 -11.65
N THR B 268 9.00 6.28 -11.98
CA THR B 268 8.86 7.73 -12.08
C THR B 268 7.55 8.16 -11.39
N CYS B 269 7.48 9.42 -10.93
CA CYS B 269 6.23 9.93 -10.37
C CYS B 269 5.68 10.99 -11.30
N VAL B 270 4.49 10.73 -11.82
CA VAL B 270 3.84 11.61 -12.77
C VAL B 270 2.59 12.28 -12.16
N LYS B 271 2.29 13.50 -12.58
CA LYS B 271 1.09 14.19 -12.09
C LYS B 271 -0.22 13.56 -12.56
N GLU B 272 -0.35 13.24 -13.84
CA GLU B 272 -1.50 12.48 -14.34
C GLU B 272 -1.02 11.15 -14.94
N CYS B 273 -1.85 10.11 -14.87
CA CYS B 273 -1.47 8.83 -15.51
C CYS B 273 -1.49 8.90 -17.03
N PRO B 274 -0.74 8.00 -17.71
CA PRO B 274 -0.76 7.81 -19.17
C PRO B 274 -2.15 7.69 -19.83
N GLY B 275 -3.16 7.26 -19.10
CA GLY B 275 -4.52 7.30 -19.65
C GLY B 275 -4.92 6.05 -20.42
N HIS B 276 -3.94 5.30 -20.90
CA HIS B 276 -4.22 3.94 -21.32
C HIS B 276 -4.13 3.01 -20.11
N LEU B 277 -3.63 3.56 -19.00
CA LEU B 277 -3.54 2.84 -17.74
C LEU B 277 -4.67 3.21 -16.82
N LEU B 278 -4.92 2.36 -15.84
CA LEU B 278 -5.88 2.64 -14.78
C LEU B 278 -5.15 3.29 -13.63
N ARG B 279 -5.90 3.87 -12.69
CA ARG B 279 -5.32 4.42 -11.49
C ARG B 279 -5.83 3.64 -10.30
N ASP B 280 -4.94 2.90 -9.63
CA ASP B 280 -5.16 2.35 -8.30
C ASP B 280 -4.82 3.47 -7.33
N ASN B 281 -5.05 3.30 -6.05
CA ASN B 281 -5.05 4.49 -5.19
C ASN B 281 -3.92 5.49 -5.48
N GLY B 282 -2.67 5.06 -5.43
CA GLY B 282 -1.57 5.99 -5.66
C GLY B 282 -0.83 5.74 -6.95
N ALA B 283 -1.35 4.84 -7.80
CA ALA B 283 -0.52 4.29 -8.86
C ALA B 283 -1.18 4.17 -10.23
N CYS B 284 -0.39 4.36 -11.27
CA CYS B 284 -0.78 4.01 -12.62
C CYS B 284 -0.55 2.51 -12.81
N VAL B 285 -1.65 1.81 -12.99
CA VAL B 285 -1.71 0.38 -12.90
C VAL B 285 -2.16 -0.23 -14.24
N ARG B 286 -1.85 -1.50 -14.45
CA ARG B 286 -2.37 -2.22 -15.61
C ARG B 286 -3.73 -2.83 -15.33
N SER B 287 -3.91 -3.31 -14.12
CA SER B 287 -5.09 -4.08 -13.78
C SER B 287 -5.48 -3.89 -12.32
N CYS B 288 -6.79 -3.86 -12.08
CA CYS B 288 -7.39 -3.80 -10.76
C CYS B 288 -7.18 -5.09 -9.98
N PRO B 289 -6.93 -4.99 -8.65
CA PRO B 289 -6.76 -6.20 -7.82
C PRO B 289 -8.12 -6.76 -7.40
N GLN B 290 -8.17 -7.99 -6.88
CA GLN B 290 -9.47 -8.70 -6.69
C GLN B 290 -10.58 -7.94 -5.91
N ASP B 291 -10.18 -7.07 -4.98
CA ASP B 291 -11.15 -6.29 -4.20
C ASP B 291 -11.87 -5.28 -5.10
N LYS B 292 -11.17 -4.83 -6.13
CA LYS B 292 -11.64 -3.68 -6.90
C LYS B 292 -11.88 -4.01 -8.37
N MET B 293 -12.45 -3.05 -9.08
CA MET B 293 -12.82 -3.19 -10.46
C MET B 293 -12.74 -1.86 -11.18
N ASP B 294 -12.55 -1.92 -12.49
CA ASP B 294 -12.50 -0.75 -13.32
C ASP B 294 -13.78 0.09 -13.18
N LYS B 295 -13.59 1.41 -13.17
CA LYS B 295 -14.63 2.43 -13.39
C LYS B 295 -13.93 3.40 -14.33
N GLY B 296 -14.61 4.43 -14.80
CA GLY B 296 -13.97 5.34 -15.75
C GLY B 296 -12.70 5.93 -15.18
N GLY B 297 -11.55 5.42 -15.63
CA GLY B 297 -10.24 5.77 -15.06
C GLY B 297 -9.80 4.92 -13.87
N GLU B 298 -10.57 4.98 -12.77
CA GLU B 298 -10.18 4.48 -11.44
C GLU B 298 -10.39 3.00 -11.18
N CYS B 299 -9.53 2.45 -10.34
CA CYS B 299 -9.62 1.07 -9.88
C CYS B 299 -10.53 0.98 -8.61
N VAL B 300 -11.77 1.44 -8.78
CA VAL B 300 -12.85 1.44 -7.75
C VAL B 300 -13.21 0.05 -7.17
N PRO B 301 -13.70 -0.02 -5.91
CA PRO B 301 -14.14 -1.31 -5.33
C PRO B 301 -15.53 -1.78 -5.81
N CYS B 302 -15.73 -3.11 -5.81
CA CYS B 302 -16.98 -3.70 -6.30
C CYS B 302 -18.12 -3.61 -5.31
N ASN B 303 -19.18 -2.86 -5.67
CA ASN B 303 -20.45 -2.90 -4.95
C ASN B 303 -21.07 -4.28 -5.14
N GLY B 304 -21.15 -5.04 -4.05
CA GLY B 304 -21.54 -6.45 -4.10
C GLY B 304 -20.57 -7.34 -4.88
N PRO B 305 -21.10 -8.09 -5.88
CA PRO B 305 -20.31 -8.99 -6.72
C PRO B 305 -19.22 -8.26 -7.51
N CYS B 306 -18.14 -8.97 -7.85
CA CYS B 306 -17.08 -8.47 -8.76
C CYS B 306 -17.14 -9.14 -10.11
N PRO B 307 -17.27 -8.39 -11.18
CA PRO B 307 -17.45 -9.05 -12.45
C PRO B 307 -16.35 -10.08 -12.58
N LYS B 308 -16.75 -11.28 -12.93
CA LYS B 308 -15.81 -12.37 -13.09
C LYS B 308 -15.03 -11.91 -14.27
N THR B 309 -13.78 -12.31 -14.37
CA THR B 309 -12.99 -11.84 -15.47
C THR B 309 -12.12 -12.91 -16.04
N CYS B 310 -11.49 -12.64 -17.17
CA CYS B 310 -10.73 -13.69 -17.83
C CYS B 310 -9.32 -13.25 -18.00
N PRO B 311 -8.42 -13.90 -17.24
CA PRO B 311 -7.01 -13.64 -17.36
C PRO B 311 -6.51 -14.07 -18.73
N GLY B 312 -5.60 -13.29 -19.27
CA GLY B 312 -4.93 -13.59 -20.51
C GLY B 312 -4.14 -14.85 -20.31
N VAL B 313 -3.73 -15.44 -21.42
CA VAL B 313 -2.99 -16.67 -21.40
C VAL B 313 -1.67 -16.43 -22.07
N THR B 314 -0.68 -17.22 -21.68
CA THR B 314 0.64 -17.07 -22.25
C THR B 314 0.65 -17.53 -23.72
N VAL B 315 0.05 -18.68 -24.02
CA VAL B 315 -0.26 -19.10 -25.39
C VAL B 315 -1.65 -19.72 -25.32
N LEU B 316 -2.46 -19.49 -26.35
CA LEU B 316 -3.82 -20.02 -26.35
C LEU B 316 -3.76 -21.43 -26.84
N HIS B 317 -4.35 -22.37 -26.12
CA HIS B 317 -4.38 -23.75 -26.61
C HIS B 317 -5.63 -24.49 -26.14
N ALA B 318 -5.77 -25.72 -26.61
CA ALA B 318 -6.96 -26.51 -26.34
C ALA B 318 -7.15 -26.76 -24.86
N GLY B 319 -6.10 -26.55 -24.07
CA GLY B 319 -6.17 -26.77 -22.65
C GLY B 319 -6.82 -25.62 -21.92
N ASN B 320 -6.53 -24.39 -22.37
CA ASN B 320 -7.09 -23.17 -21.74
C ASN B 320 -8.23 -22.48 -22.47
N ILE B 321 -8.53 -22.91 -23.70
CA ILE B 321 -9.58 -22.22 -24.45
C ILE B 321 -10.91 -22.08 -23.70
N ASP B 322 -11.30 -23.11 -22.95
CA ASP B 322 -12.61 -23.11 -22.29
C ASP B 322 -12.82 -21.95 -21.34
N SER B 323 -11.77 -21.62 -20.62
CA SER B 323 -11.77 -20.51 -19.69
C SER B 323 -12.30 -19.22 -20.31
N PHE B 324 -12.11 -19.06 -21.61
CA PHE B 324 -12.50 -17.82 -22.26
C PHE B 324 -13.96 -17.75 -22.63
N ARG B 325 -14.70 -18.82 -22.36
CA ARG B 325 -16.12 -18.84 -22.67
C ARG B 325 -16.91 -17.77 -21.92
N ASN B 326 -17.63 -16.96 -22.69
CA ASN B 326 -18.50 -15.94 -22.13
C ASN B 326 -17.77 -14.71 -21.56
N CYS B 327 -16.56 -14.39 -22.03
CA CYS B 327 -15.85 -13.18 -21.52
C CYS B 327 -16.14 -11.95 -22.31
N THR B 328 -16.36 -10.85 -21.60
CA THR B 328 -16.58 -9.60 -22.24
C THR B 328 -15.24 -8.87 -22.29
N VAL B 329 -14.45 -8.99 -21.22
CA VAL B 329 -13.14 -8.35 -21.16
C VAL B 329 -12.05 -9.36 -20.83
N ILE B 330 -11.03 -9.42 -21.69
CA ILE B 330 -9.88 -10.26 -21.45
C ILE B 330 -8.84 -9.38 -20.79
N ASP B 331 -8.55 -9.70 -19.54
CA ASP B 331 -7.49 -9.07 -18.80
C ASP B 331 -6.31 -9.89 -19.18
N GLY B 332 -5.23 -9.23 -19.58
CA GLY B 332 -4.08 -9.94 -20.15
C GLY B 332 -4.13 -9.84 -21.66
N ASN B 333 -3.38 -10.70 -22.34
CA ASN B 333 -3.46 -10.72 -23.79
C ASN B 333 -3.83 -12.06 -24.41
N ILE B 334 -4.00 -12.06 -25.73
CA ILE B 334 -4.40 -13.25 -26.50
C ILE B 334 -3.37 -13.47 -27.59
N ARG B 335 -2.71 -14.62 -27.54
CA ARG B 335 -1.69 -15.00 -28.52
C ARG B 335 -2.11 -16.30 -29.13
N ILE B 336 -2.47 -16.32 -30.40
CA ILE B 336 -2.71 -17.62 -30.99
C ILE B 336 -1.54 -17.89 -31.92
N LEU B 337 -0.76 -18.91 -31.58
CA LEU B 337 0.50 -19.22 -32.24
C LEU B 337 0.36 -20.52 -33.01
N ASP B 338 1.35 -20.88 -33.84
CA ASP B 338 1.23 -22.11 -34.60
C ASP B 338 0.82 -23.29 -33.74
N GLN B 339 1.49 -23.45 -32.60
CA GLN B 339 1.33 -24.64 -31.77
C GLN B 339 -0.05 -24.77 -31.20
N THR B 340 -0.78 -23.66 -31.24
CA THR B 340 -2.17 -23.60 -30.83
C THR B 340 -2.97 -24.55 -31.67
N PHE B 341 -2.80 -24.46 -32.99
CA PHE B 341 -3.55 -25.30 -33.90
C PHE B 341 -2.96 -26.70 -33.96
N SER B 342 -1.63 -26.80 -33.95
CA SER B 342 -1.00 -28.11 -34.03
C SER B 342 -1.13 -28.94 -32.76
N GLY B 343 -1.22 -28.28 -31.61
CA GLY B 343 -1.29 -28.99 -30.33
C GLY B 343 0.13 -29.24 -29.92
N PHE B 344 0.37 -29.38 -28.61
CA PHE B 344 1.74 -29.61 -28.10
C PHE B 344 1.74 -30.22 -26.70
N GLN B 345 2.87 -30.81 -26.32
CA GLN B 345 3.08 -31.26 -24.94
C GLN B 345 3.35 -30.05 -24.04
N ASP B 346 2.91 -30.09 -22.79
CA ASP B 346 3.23 -28.98 -21.91
C ASP B 346 4.37 -29.39 -21.03
N VAL B 347 5.15 -28.41 -20.54
CA VAL B 347 6.19 -28.70 -19.55
C VAL B 347 5.92 -28.00 -18.23
N TYR B 348 5.98 -28.75 -17.14
CA TYR B 348 5.87 -28.16 -15.81
C TYR B 348 7.11 -27.30 -15.56
N ALA B 349 7.03 -26.44 -14.53
CA ALA B 349 8.16 -25.58 -14.13
C ALA B 349 9.38 -26.37 -13.58
N ASN B 350 9.18 -27.63 -13.18
CA ASN B 350 10.30 -28.52 -12.83
C ASN B 350 11.19 -28.89 -14.03
N TYR B 351 10.69 -28.72 -15.26
CA TYR B 351 11.28 -29.30 -16.51
C TYR B 351 11.15 -30.83 -16.47
N THR B 352 9.98 -31.26 -16.00
CA THR B 352 9.44 -32.57 -16.27
C THR B 352 8.31 -32.30 -17.28
N MET B 353 8.12 -33.22 -18.24
CA MET B 353 7.05 -33.11 -19.23
C MET B 353 5.67 -33.18 -18.57
N GLY B 354 4.76 -32.33 -19.04
CA GLY B 354 3.42 -32.25 -18.44
C GLY B 354 2.40 -32.96 -19.31
N PRO B 355 1.18 -32.40 -19.41
CA PRO B 355 0.12 -33.01 -20.23
C PRO B 355 0.17 -32.57 -21.71
N ARG B 356 -0.17 -33.47 -22.63
CA ARG B 356 -0.28 -33.12 -24.05
CA ARG B 356 -0.28 -33.13 -24.06
C ARG B 356 -1.61 -32.43 -24.33
N TYR B 357 -1.61 -31.52 -25.31
CA TYR B 357 -2.78 -30.73 -25.67
C TYR B 357 -3.23 -31.10 -27.08
N ILE B 358 -4.50 -31.46 -27.28
CA ILE B 358 -4.95 -31.88 -28.58
C ILE B 358 -4.89 -30.63 -29.43
N PRO B 359 -4.81 -30.81 -30.76
CA PRO B 359 -4.86 -29.69 -31.71
C PRO B 359 -6.16 -28.89 -31.52
N LEU B 360 -6.08 -27.57 -31.66
CA LEU B 360 -7.26 -26.73 -31.54
C LEU B 360 -7.84 -26.59 -32.89
N ASP B 361 -9.15 -26.58 -32.91
CA ASP B 361 -9.85 -26.41 -34.13
C ASP B 361 -10.30 -24.97 -34.26
N PRO B 362 -9.95 -24.29 -35.36
CA PRO B 362 -10.31 -22.86 -35.42
C PRO B 362 -11.80 -22.60 -35.11
N GLU B 363 -12.69 -23.56 -35.40
CA GLU B 363 -14.11 -23.38 -35.14
C GLU B 363 -14.33 -23.04 -33.65
N ARG B 364 -13.43 -23.50 -32.79
CA ARG B 364 -13.52 -23.32 -31.34
C ARG B 364 -13.15 -21.93 -30.92
N LEU B 365 -12.59 -21.14 -31.82
CA LEU B 365 -12.26 -19.79 -31.47
C LEU B 365 -13.52 -18.93 -31.34
N GLU B 366 -14.67 -19.52 -31.64
CA GLU B 366 -15.92 -18.78 -31.58
C GLU B 366 -16.16 -18.25 -30.19
N VAL B 367 -15.48 -18.87 -29.25
CA VAL B 367 -15.55 -18.46 -27.85
C VAL B 367 -15.35 -16.96 -27.70
N PHE B 368 -14.48 -16.39 -28.52
CA PHE B 368 -14.18 -15.00 -28.39
C PHE B 368 -15.27 -14.05 -28.94
N SER B 369 -16.34 -14.61 -29.51
CA SER B 369 -17.35 -13.74 -30.12
C SER B 369 -18.00 -12.86 -29.07
N THR B 370 -17.96 -13.30 -27.82
CA THR B 370 -18.55 -12.52 -26.74
C THR B 370 -17.57 -11.40 -26.35
N VAL B 371 -16.29 -11.59 -26.64
CA VAL B 371 -15.23 -10.63 -26.26
C VAL B 371 -15.36 -9.26 -26.94
N LYS B 372 -15.27 -8.22 -26.11
CA LYS B 372 -15.42 -6.81 -26.50
C LYS B 372 -14.14 -6.00 -26.34
N GLU B 373 -13.38 -6.31 -25.29
CA GLU B 373 -12.15 -5.58 -25.03
C GLU B 373 -11.00 -6.52 -24.69
N ILE B 374 -9.79 -6.13 -25.09
CA ILE B 374 -8.55 -6.83 -24.78
C ILE B 374 -7.62 -5.81 -24.18
N THR B 375 -7.28 -6.01 -22.91
CA THR B 375 -6.51 -5.04 -22.13
C THR B 375 -5.02 -5.09 -22.48
N GLY B 376 -4.56 -6.25 -22.94
CA GLY B 376 -3.17 -6.43 -23.37
C GLY B 376 -3.02 -6.16 -24.85
N TYR B 377 -2.30 -7.06 -25.53
CA TYR B 377 -2.15 -6.99 -26.99
C TYR B 377 -2.73 -8.24 -27.65
N LEU B 378 -3.07 -8.14 -28.92
CA LEU B 378 -3.55 -9.30 -29.69
C LEU B 378 -2.43 -9.72 -30.64
N ASN B 379 -2.03 -10.98 -30.54
CA ASN B 379 -0.98 -11.55 -31.36
C ASN B 379 -1.45 -12.78 -32.10
N ILE B 380 -1.47 -12.69 -33.42
CA ILE B 380 -1.90 -13.82 -34.25
C ILE B 380 -0.81 -14.26 -35.22
N GLU B 381 -0.26 -15.46 -34.98
CA GLU B 381 0.83 -15.96 -35.80
C GLU B 381 0.51 -17.36 -36.28
N GLY B 382 -0.60 -17.90 -35.82
CA GLY B 382 -1.00 -19.28 -36.09
C GLY B 382 -1.36 -19.56 -37.52
N THR B 383 -1.05 -20.76 -37.96
CA THR B 383 -1.26 -21.13 -39.35
C THR B 383 -2.11 -22.41 -39.46
N HIS B 384 -3.17 -22.35 -40.28
CA HIS B 384 -4.11 -23.45 -40.41
C HIS B 384 -5.07 -23.23 -41.60
N PRO B 385 -5.32 -24.30 -42.40
CA PRO B 385 -6.15 -24.26 -43.61
C PRO B 385 -7.53 -23.64 -43.40
N GLN B 386 -8.11 -23.80 -42.22
CA GLN B 386 -9.44 -23.26 -41.97
C GLN B 386 -9.40 -22.05 -41.10
N PHE B 387 -8.20 -21.60 -40.73
CA PHE B 387 -8.08 -20.34 -39.98
C PHE B 387 -7.93 -19.18 -40.97
N ARG B 388 -9.06 -18.79 -41.55
CA ARG B 388 -9.06 -17.84 -42.67
C ARG B 388 -9.33 -16.38 -42.26
N ASN B 389 -10.35 -16.18 -41.44
CA ASN B 389 -10.69 -14.83 -41.04
C ASN B 389 -10.55 -14.62 -39.53
N LEU B 390 -10.92 -13.47 -39.01
CA LEU B 390 -10.73 -13.22 -37.58
C LEU B 390 -12.05 -12.80 -36.96
N SER B 391 -13.13 -13.30 -37.56
CA SER B 391 -14.49 -12.99 -37.18
C SER B 391 -14.86 -13.47 -35.80
N TYR B 392 -14.08 -14.38 -35.23
CA TYR B 392 -14.24 -14.70 -33.81
C TYR B 392 -14.12 -13.42 -32.97
N PHE B 393 -13.37 -12.44 -33.46
CA PHE B 393 -13.27 -11.16 -32.75
C PHE B 393 -14.19 -10.04 -33.28
N ARG B 394 -15.27 -10.44 -33.95
CA ARG B 394 -16.15 -9.47 -34.58
C ARG B 394 -16.79 -8.49 -33.58
N ASN B 395 -16.81 -8.87 -32.31
CA ASN B 395 -17.43 -8.00 -31.33
C ASN B 395 -16.41 -7.27 -30.48
N LEU B 396 -15.14 -7.63 -30.66
CA LEU B 396 -14.03 -6.90 -30.06
C LEU B 396 -14.04 -5.49 -30.62
N GLU B 397 -14.05 -4.51 -29.72
CA GLU B 397 -14.09 -3.12 -30.15
C GLU B 397 -12.86 -2.31 -29.77
N THR B 398 -12.19 -2.67 -28.68
CA THR B 398 -10.93 -2.02 -28.35
C THR B 398 -9.84 -2.97 -27.85
N ILE B 399 -8.61 -2.71 -28.27
CA ILE B 399 -7.42 -3.37 -27.72
C ILE B 399 -6.72 -2.26 -26.93
N HIS B 400 -6.58 -2.45 -25.62
CA HIS B 400 -6.07 -1.38 -24.78
C HIS B 400 -4.57 -1.19 -24.92
N GLY B 401 -3.86 -2.27 -25.19
CA GLY B 401 -2.40 -2.18 -25.31
C GLY B 401 -1.73 -1.78 -24.01
N ARG B 402 -2.27 -2.24 -22.89
CA ARG B 402 -1.67 -1.97 -21.58
C ARG B 402 -0.38 -2.76 -21.41
N GLN B 403 -0.15 -3.69 -22.32
CA GLN B 403 1.05 -4.48 -22.29
C GLN B 403 1.33 -4.74 -23.75
N LEU B 404 2.55 -4.48 -24.19
CA LEU B 404 2.86 -4.55 -25.62
C LEU B 404 3.76 -5.72 -25.97
N MET B 405 3.95 -5.96 -27.25
CA MET B 405 4.69 -7.12 -27.64
C MET B 405 5.92 -6.76 -28.45
N GLU B 406 7.08 -7.26 -27.99
CA GLU B 406 8.37 -7.17 -28.67
C GLU B 406 8.94 -5.75 -28.76
N SER B 407 10.14 -5.62 -29.32
CA SER B 407 10.79 -4.31 -29.47
C SER B 407 10.07 -3.36 -30.45
N MET B 408 9.23 -3.96 -31.29
CA MET B 408 8.32 -3.23 -32.15
C MET B 408 7.25 -2.45 -31.35
N PHE B 409 7.00 -2.91 -30.12
CA PHE B 409 5.97 -2.37 -29.20
C PHE B 409 4.56 -2.45 -29.75
N ALA B 410 4.18 -3.64 -30.19
CA ALA B 410 2.95 -3.84 -30.91
C ALA B 410 1.80 -4.10 -29.98
N ALA B 411 0.69 -3.41 -30.24
CA ALA B 411 -0.61 -3.76 -29.65
C ALA B 411 -1.35 -4.85 -30.46
N LEU B 412 -1.14 -4.86 -31.78
CA LEU B 412 -1.73 -5.85 -32.64
C LEU B 412 -0.64 -6.31 -33.55
N ALA B 413 -0.25 -7.57 -33.41
CA ALA B 413 0.77 -8.17 -34.26
C ALA B 413 0.20 -9.41 -34.95
N ILE B 414 0.22 -9.38 -36.27
CA ILE B 414 -0.21 -10.49 -37.08
C ILE B 414 0.95 -10.83 -37.99
N VAL B 415 1.66 -11.91 -37.66
CA VAL B 415 2.88 -12.25 -38.36
C VAL B 415 2.78 -13.67 -38.87
N LYS B 416 2.96 -13.80 -40.18
CA LYS B 416 2.90 -15.10 -40.86
C LYS B 416 1.69 -15.97 -40.49
N SER B 417 0.52 -15.36 -40.31
CA SER B 417 -0.71 -16.14 -40.10
C SER B 417 -1.24 -16.65 -41.42
N SER B 418 -2.12 -17.65 -41.34
CA SER B 418 -2.77 -18.18 -42.53
C SER B 418 -3.99 -17.34 -42.95
N LEU B 419 -4.16 -16.17 -42.33
CA LEU B 419 -5.34 -15.34 -42.52
C LEU B 419 -5.50 -14.80 -43.94
N TYR B 420 -6.75 -14.69 -44.37
CA TYR B 420 -7.09 -14.09 -45.64
C TYR B 420 -7.73 -12.73 -45.44
N SER B 421 -8.57 -12.58 -44.42
CA SER B 421 -9.09 -11.25 -44.07
C SER B 421 -9.23 -11.07 -42.56
N LEU B 422 -9.31 -9.82 -42.12
CA LEU B 422 -9.47 -9.54 -40.71
C LEU B 422 -10.93 -9.73 -40.20
N GLU B 423 -11.90 -9.08 -40.83
CA GLU B 423 -13.31 -9.28 -40.48
C GLU B 423 -13.76 -8.73 -39.12
N MET B 424 -12.88 -8.03 -38.43
CA MET B 424 -13.15 -7.44 -37.11
C MET B 424 -13.92 -6.11 -37.23
N ARG B 425 -15.21 -6.20 -37.55
CA ARG B 425 -16.09 -5.05 -37.80
C ARG B 425 -16.09 -3.99 -36.74
N ASN B 426 -16.08 -4.39 -35.47
CA ASN B 426 -16.34 -3.43 -34.40
C ASN B 426 -15.12 -2.85 -33.79
N LEU B 427 -13.95 -3.34 -34.20
CA LEU B 427 -12.72 -2.77 -33.70
C LEU B 427 -12.63 -1.28 -34.05
N LYS B 428 -12.85 -0.46 -33.03
CA LYS B 428 -12.85 0.98 -33.16
C LYS B 428 -11.57 1.60 -32.62
N GLN B 429 -10.89 0.94 -31.71
CA GLN B 429 -9.75 1.58 -31.06
C GLN B 429 -8.59 0.71 -30.58
N ILE B 430 -7.37 1.20 -30.86
CA ILE B 430 -6.15 0.69 -30.24
C ILE B 430 -5.55 1.82 -29.41
N SER B 431 -5.71 1.71 -28.08
CA SER B 431 -5.42 2.76 -27.12
C SER B 431 -3.98 3.19 -27.07
N SER B 432 -3.09 2.23 -27.25
CA SER B 432 -1.66 2.43 -27.09
C SER B 432 -0.90 1.33 -27.81
N GLY B 433 0.27 1.66 -28.35
CA GLY B 433 1.10 0.63 -28.96
C GLY B 433 0.89 0.60 -30.46
N SER B 434 1.59 -0.28 -31.17
CA SER B 434 1.65 -0.17 -32.61
C SER B 434 0.92 -1.32 -33.29
N VAL B 435 0.64 -1.13 -34.58
CA VAL B 435 0.14 -2.18 -35.46
C VAL B 435 1.34 -2.70 -36.22
N VAL B 436 1.52 -4.02 -36.19
CA VAL B 436 2.50 -4.70 -37.06
C VAL B 436 1.85 -5.94 -37.67
N ILE B 437 1.80 -5.93 -39.01
CA ILE B 437 1.18 -6.95 -39.83
C ILE B 437 2.15 -7.24 -40.95
N GLN B 438 2.84 -8.38 -40.87
CA GLN B 438 3.82 -8.68 -41.92
C GLN B 438 3.94 -10.13 -42.30
N HIS B 439 4.23 -10.37 -43.57
CA HIS B 439 4.44 -11.71 -44.15
C HIS B 439 3.29 -12.68 -44.00
N ASN B 440 2.07 -12.17 -44.16
CA ASN B 440 0.87 -13.01 -44.29
C ASN B 440 0.52 -13.23 -45.78
N ARG B 441 0.79 -14.42 -46.32
CA ARG B 441 0.80 -14.58 -47.78
C ARG B 441 -0.48 -14.40 -48.61
N ASP B 442 -1.64 -14.99 -48.27
CA ASP B 442 -2.89 -14.48 -48.90
C ASP B 442 -3.76 -13.57 -47.98
N LEU B 443 -3.17 -12.74 -47.10
CA LEU B 443 -4.01 -11.76 -46.36
C LEU B 443 -4.24 -10.49 -47.18
N CYS B 444 -5.48 -9.97 -47.19
CA CYS B 444 -5.82 -8.75 -47.94
C CYS B 444 -6.31 -7.65 -47.02
N TYR B 445 -6.65 -6.49 -47.60
CA TYR B 445 -7.23 -5.38 -46.85
C TYR B 445 -6.25 -4.59 -46.01
N VAL B 446 -5.35 -5.31 -45.36
CA VAL B 446 -4.47 -4.72 -44.37
C VAL B 446 -3.65 -3.51 -44.85
N SER B 447 -3.24 -3.50 -46.12
CA SER B 447 -2.50 -2.31 -46.60
C SER B 447 -3.43 -1.13 -46.88
N ASN B 448 -4.69 -1.39 -47.21
CA ASN B 448 -5.65 -0.29 -47.46
C ASN B 448 -6.40 0.21 -46.22
N ILE B 449 -6.14 -0.41 -45.06
CA ILE B 449 -6.77 0.02 -43.81
C ILE B 449 -5.97 1.20 -43.30
N ARG B 450 -6.65 2.32 -43.08
CA ARG B 450 -5.97 3.51 -42.57
C ARG B 450 -5.90 3.40 -41.07
N TRP B 451 -4.84 2.74 -40.60
CA TRP B 451 -4.74 2.34 -39.19
C TRP B 451 -4.75 3.50 -38.19
N PRO B 452 -4.09 4.63 -38.53
CA PRO B 452 -4.19 5.84 -37.75
C PRO B 452 -5.60 6.11 -37.23
N ALA B 453 -6.62 5.95 -38.09
CA ALA B 453 -8.03 6.11 -37.70
C ALA B 453 -8.33 5.38 -36.39
N ILE B 454 -7.97 4.10 -36.36
CA ILE B 454 -8.16 3.19 -35.23
C ILE B 454 -7.31 3.50 -34.01
N GLN B 455 -6.06 3.89 -34.22
CA GLN B 455 -5.17 4.14 -33.10
C GLN B 455 -5.51 5.44 -32.38
N LYS B 456 -5.33 5.45 -31.06
CA LYS B 456 -5.78 6.58 -30.23
C LYS B 456 -4.92 7.83 -30.38
N GLU B 457 -3.61 7.65 -30.59
CA GLU B 457 -2.66 8.77 -30.67
C GLU B 457 -1.80 8.72 -31.93
N PRO B 458 -1.46 9.90 -32.50
CA PRO B 458 -0.79 9.91 -33.81
C PRO B 458 0.70 9.55 -33.68
N GLU B 459 1.20 9.56 -32.45
CA GLU B 459 2.53 9.11 -32.15
C GLU B 459 2.69 7.59 -32.39
N GLN B 460 1.61 6.81 -32.18
CA GLN B 460 1.58 5.36 -32.39
C GLN B 460 1.95 5.04 -33.84
N LYS B 461 2.73 3.98 -34.04
CA LYS B 461 3.26 3.68 -35.38
C LYS B 461 2.55 2.47 -36.00
N VAL B 462 2.67 2.32 -37.32
CA VAL B 462 2.21 1.08 -37.96
C VAL B 462 3.27 0.48 -38.92
N TRP B 463 3.42 -0.83 -38.89
CA TRP B 463 4.24 -1.56 -39.86
C TRP B 463 3.32 -2.50 -40.62
N VAL B 464 3.18 -2.29 -41.93
CA VAL B 464 2.44 -3.23 -42.79
C VAL B 464 3.31 -3.59 -43.99
N ASN B 465 3.86 -4.81 -44.00
CA ASN B 465 4.74 -5.24 -45.09
C ASN B 465 4.58 -6.70 -45.46
N GLU B 466 4.78 -7.01 -46.74
CA GLU B 466 4.89 -8.40 -47.18
C GLU B 466 3.62 -9.25 -47.12
N ASN B 467 2.46 -8.60 -47.14
CA ASN B 467 1.21 -9.33 -47.22
C ASN B 467 0.85 -9.52 -48.68
N LEU B 468 -0.25 -10.23 -48.98
CA LEU B 468 -0.71 -10.38 -50.37
C LEU B 468 -0.81 -9.02 -50.99
N ARG B 469 -0.06 -8.86 -52.07
CA ARG B 469 0.09 -7.60 -52.75
C ARG B 469 -1.23 -6.99 -53.18
N ALA B 470 -1.37 -5.70 -52.94
CA ALA B 470 -2.60 -4.96 -53.24
C ALA B 470 -3.19 -5.22 -54.66
N ASP B 471 -2.35 -5.23 -55.68
CA ASP B 471 -2.81 -5.49 -57.06
C ASP B 471 -3.43 -6.86 -57.13
N LEU B 472 -2.87 -7.81 -56.39
CA LEU B 472 -3.29 -9.20 -56.50
C LEU B 472 -4.64 -9.41 -55.83
N CYS B 473 -4.93 -8.65 -54.78
CA CYS B 473 -6.26 -8.60 -54.19
C CYS B 473 -7.29 -8.02 -55.16
N GLU B 474 -6.91 -6.94 -55.83
CA GLU B 474 -7.80 -6.23 -56.75
C GLU B 474 -8.29 -7.14 -57.85
N LYS B 475 -7.37 -7.87 -58.47
CA LYS B 475 -7.73 -8.77 -59.56
C LYS B 475 -8.65 -9.87 -59.06
N ASN B 476 -8.48 -10.26 -57.80
CA ASN B 476 -9.34 -11.22 -57.19
C ASN B 476 -10.65 -10.56 -56.76
N GLY B 477 -10.63 -9.25 -56.62
CA GLY B 477 -11.82 -8.51 -56.30
C GLY B 477 -12.20 -8.56 -54.84
N THR B 478 -11.24 -8.93 -53.99
CA THR B 478 -11.44 -8.91 -52.57
C THR B 478 -11.08 -7.51 -52.08
N ILE B 479 -11.82 -6.50 -52.49
CA ILE B 479 -11.34 -5.13 -52.32
C ILE B 479 -12.20 -4.16 -51.51
N CYS B 480 -13.37 -4.58 -51.07
CA CYS B 480 -14.16 -3.68 -50.22
C CYS B 480 -15.20 -2.95 -50.94
N SER B 481 -16.34 -2.83 -50.28
CA SER B 481 -17.53 -2.20 -50.82
C SER B 481 -17.29 -0.83 -51.44
N ASP B 482 -18.20 -0.43 -52.31
CA ASP B 482 -18.21 0.94 -52.79
C ASP B 482 -18.72 1.88 -51.71
N GLN B 483 -19.37 1.29 -50.71
CA GLN B 483 -20.16 2.02 -49.72
C GLN B 483 -19.36 2.65 -48.59
N CYS B 484 -18.03 2.51 -48.67
CA CYS B 484 -17.17 2.99 -47.61
C CYS B 484 -16.07 3.89 -48.09
N ASN B 485 -15.69 4.81 -47.20
CA ASN B 485 -14.73 5.86 -47.50
C ASN B 485 -13.30 5.36 -47.62
N GLU B 486 -12.38 6.31 -47.82
CA GLU B 486 -10.96 6.04 -47.95
C GLU B 486 -10.33 5.33 -46.74
N ASP B 487 -11.10 5.15 -45.66
CA ASP B 487 -10.56 4.55 -44.43
C ASP B 487 -10.28 3.06 -44.54
N GLY B 488 -10.80 2.42 -45.58
CA GLY B 488 -10.58 0.99 -45.71
C GLY B 488 -11.62 0.18 -44.98
N CYS B 489 -11.30 -1.10 -44.73
CA CYS B 489 -12.26 -2.12 -44.24
C CYS B 489 -11.60 -3.42 -43.90
N TRP B 490 -12.31 -4.22 -43.12
CA TRP B 490 -11.80 -5.42 -42.51
C TRP B 490 -12.01 -6.64 -43.38
N GLY B 491 -12.94 -6.51 -44.34
CA GLY B 491 -13.28 -7.58 -45.29
C GLY B 491 -13.99 -7.02 -46.50
N ALA B 492 -14.65 -7.89 -47.25
CA ALA B 492 -15.29 -7.50 -48.51
C ALA B 492 -16.67 -6.90 -48.34
N GLY B 493 -17.38 -7.36 -47.32
CA GLY B 493 -18.81 -7.07 -47.16
C GLY B 493 -19.11 -5.66 -46.71
N THR B 494 -20.37 -5.26 -46.84
CA THR B 494 -20.85 -3.90 -46.54
C THR B 494 -20.79 -3.57 -45.05
N ASP B 495 -20.88 -4.58 -44.19
CA ASP B 495 -20.76 -4.34 -42.75
C ASP B 495 -19.31 -4.11 -42.32
N GLN B 496 -18.44 -4.71 -43.13
CA GLN B 496 -17.03 -4.83 -42.87
C GLN B 496 -16.40 -3.47 -42.83
N CYS B 497 -16.88 -2.60 -43.70
CA CYS B 497 -16.25 -1.31 -43.75
C CYS B 497 -16.31 -0.61 -42.41
N LEU B 498 -15.12 -0.23 -42.01
CA LEU B 498 -14.79 0.64 -40.89
C LEU B 498 -15.75 1.80 -40.83
N ASN B 499 -15.98 2.46 -41.95
CA ASN B 499 -16.91 3.59 -42.01
C ASN B 499 -17.69 3.57 -43.29
N CYS B 500 -19.00 3.71 -43.16
CA CYS B 500 -19.85 3.79 -44.31
C CYS B 500 -19.45 4.96 -45.19
N LYS B 501 -19.51 4.74 -46.50
CA LYS B 501 -19.27 5.81 -47.48
C LYS B 501 -20.40 6.83 -47.47
N ASN B 502 -21.62 6.31 -47.60
CA ASN B 502 -22.83 7.13 -47.63
C ASN B 502 -23.80 6.89 -46.47
N PHE B 503 -24.69 5.90 -46.60
CA PHE B 503 -25.64 5.63 -45.53
C PHE B 503 -25.36 4.39 -44.70
N ASN B 504 -25.70 4.46 -43.42
CA ASN B 504 -25.54 3.36 -42.49
C ASN B 504 -26.91 2.90 -41.99
N PHE B 505 -27.25 1.64 -42.23
CA PHE B 505 -28.50 1.08 -41.75
C PHE B 505 -28.27 -0.23 -41.03
N ASN B 506 -28.38 -0.24 -39.71
CA ASN B 506 -28.28 -1.49 -38.96
C ASN B 506 -26.87 -2.07 -39.13
N GLY B 507 -25.86 -1.23 -38.93
CA GLY B 507 -24.47 -1.62 -39.17
C GLY B 507 -24.15 -2.11 -40.59
N THR B 508 -25.00 -1.77 -41.54
CA THR B 508 -24.84 -2.16 -42.94
C THR B 508 -24.66 -0.88 -43.74
N CYS B 509 -23.76 -0.89 -44.72
CA CYS B 509 -23.56 0.28 -45.56
C CYS B 509 -24.40 0.25 -46.83
N ILE B 510 -25.27 1.25 -46.98
CA ILE B 510 -26.27 1.30 -48.04
C ILE B 510 -26.16 2.60 -48.82
N ALA B 511 -26.47 2.57 -50.12
CA ALA B 511 -26.29 3.75 -50.98
C ALA B 511 -27.31 4.85 -50.71
N ASP B 512 -28.50 4.43 -50.31
CA ASP B 512 -29.70 5.26 -50.32
C ASP B 512 -30.74 4.52 -49.50
N CYS B 513 -31.28 5.17 -48.47
CA CYS B 513 -32.29 4.57 -47.58
C CYS B 513 -33.46 3.93 -48.30
N GLY B 514 -33.86 4.52 -49.43
CA GLY B 514 -35.01 4.09 -50.19
C GLY B 514 -34.94 2.67 -50.71
N TYR B 515 -33.73 2.16 -50.91
CA TYR B 515 -33.54 0.78 -51.38
C TYR B 515 -34.29 -0.23 -50.54
N ILE B 516 -34.15 -0.10 -49.22
CA ILE B 516 -34.94 -0.87 -48.27
C ILE B 516 -36.24 -0.11 -47.94
N SER B 517 -37.38 -0.72 -48.26
CA SER B 517 -38.70 -0.08 -48.07
C SER B 517 -38.89 0.32 -46.61
N ASN B 518 -38.46 -0.57 -45.72
CA ASN B 518 -38.62 -0.42 -44.28
C ASN B 518 -37.63 0.58 -43.68
N ALA B 519 -36.78 1.13 -44.53
CA ALA B 519 -35.86 2.16 -44.06
C ALA B 519 -36.45 3.55 -44.29
N TYR B 520 -36.23 4.42 -43.30
CA TYR B 520 -36.53 5.83 -43.39
C TYR B 520 -35.21 6.57 -43.10
N LYS B 521 -35.08 7.79 -43.61
CA LYS B 521 -33.81 8.54 -43.51
C LYS B 521 -33.67 9.30 -42.19
N PHE B 522 -33.08 8.66 -41.19
CA PHE B 522 -32.92 9.28 -39.87
C PHE B 522 -31.95 10.46 -39.85
N ASP B 523 -30.73 10.26 -40.35
CA ASP B 523 -29.73 11.33 -40.41
C ASP B 523 -29.38 11.69 -41.83
N ASN B 524 -28.25 12.37 -41.96
CA ASN B 524 -27.59 12.52 -43.24
C ASN B 524 -26.76 11.29 -43.58
N ARG B 525 -26.41 10.52 -42.56
CA ARG B 525 -25.62 9.30 -42.75
C ARG B 525 -26.28 8.06 -42.14
N THR B 526 -27.59 8.12 -41.89
CA THR B 526 -28.25 7.03 -41.21
C THR B 526 -29.61 6.70 -41.83
N CYS B 527 -29.94 5.42 -41.79
CA CYS B 527 -31.31 4.94 -41.99
C CYS B 527 -31.67 3.99 -40.85
N LYS B 528 -32.91 4.09 -40.37
CA LYS B 528 -33.39 3.18 -39.35
C LYS B 528 -34.57 2.39 -39.87
N ILE B 529 -34.80 1.20 -39.32
CA ILE B 529 -35.89 0.38 -39.80
C ILE B 529 -37.23 0.88 -39.29
N CYS B 530 -38.26 0.63 -40.06
CA CYS B 530 -39.57 1.12 -39.75
C CYS B 530 -40.29 0.28 -38.72
N HIS B 531 -40.79 0.97 -37.69
CA HIS B 531 -41.63 0.36 -36.66
C HIS B 531 -42.50 -0.77 -37.25
N PRO B 532 -42.54 -1.92 -36.56
CA PRO B 532 -43.33 -3.09 -37.00
C PRO B 532 -44.64 -2.67 -37.64
N GLU B 533 -45.31 -1.70 -37.01
CA GLU B 533 -46.66 -1.26 -37.36
C GLU B 533 -46.96 -1.16 -38.86
N CYS B 534 -46.14 -0.40 -39.60
CA CYS B 534 -46.43 -0.13 -41.02
C CYS B 534 -45.25 -0.50 -41.92
N ARG B 535 -45.54 -0.72 -43.21
CA ARG B 535 -44.56 -1.14 -44.21
C ARG B 535 -43.52 -0.05 -44.52
N THR B 536 -43.98 1.08 -45.06
CA THR B 536 -43.10 2.19 -45.46
C THR B 536 -43.40 3.52 -44.74
N CYS B 537 -42.41 4.02 -44.00
CA CYS B 537 -42.56 5.28 -43.24
C CYS B 537 -41.85 6.45 -43.86
N ASN B 538 -42.37 7.62 -43.53
CA ASN B 538 -41.65 8.83 -43.73
C ASN B 538 -40.72 9.03 -42.56
N GLY B 539 -41.11 8.50 -41.39
CA GLY B 539 -40.39 8.80 -40.16
C GLY B 539 -40.23 7.65 -39.17
N ALA B 540 -39.78 8.01 -37.98
CA ALA B 540 -39.41 7.07 -36.91
C ALA B 540 -40.50 6.85 -35.88
N GLY B 541 -41.69 6.41 -36.31
CA GLY B 541 -42.80 6.28 -35.37
C GLY B 541 -43.73 5.10 -35.58
N ALA B 542 -44.63 4.91 -34.60
CA ALA B 542 -45.65 3.87 -34.64
C ALA B 542 -46.85 4.28 -35.51
N ASP B 543 -47.23 5.55 -35.41
CA ASP B 543 -48.29 6.11 -36.24
C ASP B 543 -47.69 6.78 -37.47
N HIS B 544 -46.46 7.26 -37.31
CA HIS B 544 -45.74 8.06 -38.31
C HIS B 544 -45.67 7.43 -39.70
N CYS B 545 -45.71 6.10 -39.76
CA CYS B 545 -45.44 5.38 -41.04
C CYS B 545 -46.54 5.37 -42.14
N PHE C 2 33.66 -28.33 -26.97
CA PHE C 2 32.48 -27.88 -26.16
C PHE C 2 31.37 -28.94 -26.16
N PRO C 3 31.57 -30.03 -25.40
CA PRO C 3 30.82 -31.29 -25.50
C PRO C 3 29.31 -31.17 -25.20
N THR C 4 28.48 -31.71 -26.09
CA THR C 4 27.02 -31.66 -25.95
C THR C 4 26.46 -33.06 -26.13
N TYR C 5 25.45 -33.44 -25.35
CA TYR C 5 24.92 -34.79 -25.48
C TYR C 5 23.39 -34.94 -25.77
N LYS C 6 22.98 -36.15 -26.15
CA LYS C 6 21.58 -36.47 -26.45
C LYS C 6 20.71 -36.33 -25.22
N CYS C 7 19.46 -35.88 -25.43
CA CYS C 7 18.52 -35.75 -24.33
C CYS C 7 17.89 -37.11 -24.04
N PRO C 8 17.43 -37.34 -22.79
CA PRO C 8 16.52 -38.42 -22.48
C PRO C 8 15.43 -38.49 -23.52
N GLU C 9 15.03 -39.72 -23.89
CA GLU C 9 14.11 -39.91 -24.99
C GLU C 9 12.93 -38.96 -24.85
N THR C 10 12.34 -38.96 -23.66
CA THR C 10 11.14 -38.16 -23.40
C THR C 10 11.37 -36.66 -23.76
N PHE C 11 12.52 -36.12 -23.37
CA PHE C 11 12.89 -34.76 -23.73
C PHE C 11 13.30 -34.60 -25.19
N ASP C 12 14.02 -35.58 -25.70
CA ASP C 12 14.46 -35.52 -27.09
C ASP C 12 13.27 -35.39 -28.06
N ALA C 13 12.31 -36.30 -27.90
CA ALA C 13 11.07 -36.30 -28.67
C ALA C 13 10.21 -35.06 -28.47
N TRP C 14 10.02 -34.63 -27.23
CA TRP C 14 8.91 -33.74 -26.92
C TRP C 14 9.26 -32.36 -26.38
N TYR C 15 10.54 -32.12 -26.07
CA TYR C 15 10.88 -30.86 -25.44
C TYR C 15 10.83 -29.72 -26.41
N CYS C 16 11.55 -29.85 -27.52
CA CYS C 16 11.61 -28.76 -28.46
C CYS C 16 10.60 -28.66 -29.58
N LEU C 17 9.94 -27.52 -29.69
CA LEU C 17 8.82 -27.42 -30.65
C LEU C 17 9.24 -26.79 -31.98
N ASN C 18 8.39 -27.00 -32.99
CA ASN C 18 8.55 -26.39 -34.30
C ASN C 18 9.79 -26.86 -35.05
N ASP C 19 10.15 -28.14 -34.87
CA ASP C 19 11.18 -28.78 -35.67
C ASP C 19 12.57 -28.30 -35.27
N ALA C 20 12.73 -28.12 -33.96
CA ALA C 20 14.00 -27.79 -33.35
C ALA C 20 14.71 -29.08 -32.96
N HIS C 21 15.97 -28.98 -32.56
CA HIS C 21 16.70 -30.14 -32.08
C HIS C 21 17.12 -29.94 -30.61
N CYS C 22 16.99 -30.99 -29.82
CA CYS C 22 17.29 -30.95 -28.40
C CYS C 22 18.75 -31.24 -28.19
N PHE C 23 19.41 -30.43 -27.37
CA PHE C 23 20.73 -30.81 -26.88
C PHE C 23 20.77 -30.71 -25.37
N ALA C 24 21.68 -31.47 -24.77
CA ALA C 24 21.79 -31.48 -23.33
C ALA C 24 23.22 -31.18 -22.88
N VAL C 25 23.34 -30.32 -21.87
CA VAL C 25 24.63 -30.15 -21.20
C VAL C 25 24.52 -30.38 -19.70
N LYS C 26 25.60 -30.88 -19.12
CA LYS C 26 25.68 -31.03 -17.69
C LYS C 26 26.48 -29.86 -17.20
N ILE C 27 25.88 -29.04 -16.35
CA ILE C 27 26.65 -27.97 -15.74
C ILE C 27 26.43 -28.06 -14.24
N ALA C 28 27.55 -28.12 -13.51
CA ALA C 28 27.52 -28.40 -12.08
C ALA C 28 26.73 -29.71 -11.83
N ASP C 29 27.18 -30.79 -12.47
CA ASP C 29 26.58 -32.12 -12.30
C ASP C 29 25.04 -32.14 -12.51
N LEU C 30 24.53 -31.15 -13.23
CA LEU C 30 23.10 -31.08 -13.50
C LEU C 30 22.79 -31.11 -15.00
N PRO C 31 21.74 -31.86 -15.38
CA PRO C 31 21.42 -31.90 -16.80
C PRO C 31 20.62 -30.65 -17.16
N VAL C 32 21.09 -29.87 -18.14
CA VAL C 32 20.31 -28.75 -18.65
C VAL C 32 19.88 -29.10 -20.08
N TYR C 33 18.58 -29.09 -20.33
CA TYR C 33 18.10 -29.44 -21.65
C TYR C 33 17.74 -28.17 -22.36
N SER C 34 18.45 -27.87 -23.44
CA SER C 34 18.15 -26.69 -24.21
C SER C 34 18.02 -27.03 -25.65
N CYS C 35 17.71 -26.02 -26.46
CA CYS C 35 17.38 -26.28 -27.84
C CYS C 35 17.94 -25.40 -28.93
N GLU C 36 18.26 -26.05 -30.05
CA GLU C 36 18.67 -25.37 -31.26
C GLU C 36 17.47 -25.10 -32.17
N CYS C 37 17.08 -23.84 -32.26
CA CYS C 37 15.87 -23.46 -32.97
C CYS C 37 15.97 -23.56 -34.46
N ALA C 38 14.87 -23.94 -35.09
CA ALA C 38 14.80 -23.94 -36.54
C ALA C 38 14.65 -22.50 -37.06
N ILE C 39 15.08 -22.27 -38.29
CA ILE C 39 14.99 -20.95 -38.88
C ILE C 39 13.64 -20.29 -38.60
N GLY C 40 13.70 -19.10 -38.01
CA GLY C 40 12.51 -18.32 -37.83
C GLY C 40 11.87 -18.50 -36.48
N PHE C 41 12.47 -19.32 -35.63
CA PHE C 41 11.93 -19.51 -34.28
C PHE C 41 12.95 -19.22 -33.22
N MET C 42 12.46 -18.85 -32.05
CA MET C 42 13.28 -18.48 -30.92
C MET C 42 12.46 -18.66 -29.66
N GLY C 43 13.12 -18.61 -28.50
CA GLY C 43 12.43 -18.93 -27.23
C GLY C 43 13.10 -20.13 -26.64
N GLN C 44 12.69 -20.54 -25.44
CA GLN C 44 13.44 -21.63 -24.84
C GLN C 44 13.11 -22.95 -25.50
N ARG C 45 11.84 -23.21 -25.71
CA ARG C 45 11.46 -24.42 -26.43
C ARG C 45 11.25 -24.14 -27.93
N CYS C 46 11.85 -23.06 -28.41
CA CYS C 46 11.72 -22.63 -29.80
C CYS C 46 10.29 -22.30 -30.18
N GLU C 47 9.54 -21.67 -29.28
CA GLU C 47 8.11 -21.57 -29.49
C GLU C 47 7.64 -20.29 -30.15
N TYR C 48 8.49 -19.29 -30.19
CA TYR C 48 8.07 -17.99 -30.68
C TYR C 48 8.65 -17.67 -32.06
N LYS C 49 7.85 -17.01 -32.89
CA LYS C 49 8.33 -16.67 -34.21
C LYS C 49 9.12 -15.38 -34.20
N GLU C 50 10.30 -15.40 -34.82
CA GLU C 50 11.19 -14.24 -34.89
C GLU C 50 10.55 -13.11 -35.65
N ILE C 51 10.74 -11.89 -35.17
CA ILE C 51 10.22 -10.70 -35.84
C ILE C 51 11.33 -9.88 -36.48
N ASP C 52 11.18 -9.55 -37.75
CA ASP C 52 12.18 -8.77 -38.44
C ASP C 52 12.11 -7.30 -38.05
#